data_6JHO
#
_entry.id   6JHO
#
_cell.length_a   96.298
_cell.length_b   96.298
_cell.length_c   212.658
_cell.angle_alpha   90.000
_cell.angle_beta   90.000
_cell.angle_gamma   90.000
#
_symmetry.space_group_name_H-M   'P 41 21 2'
#
loop_
_entity.id
_entity.type
_entity.pdbx_description
1 polymer 'Cag pathogenicity island protein (Cag6)'
2 polymer 'Cag pathogenicity island protein (Cag5)'
3 water water
#
loop_
_entity_poly.entity_id
_entity_poly.type
_entity_poly.pdbx_seq_one_letter_code
_entity_poly.pdbx_strand_id
1 'polypeptide(L)'
;GTSSMADIGSELGFNEAERQKILDSNSSLMGNANEVRDKFIQNYASSLKDSNDPQDFLRRVQELRINMQKNFISFDVYYN
YLNNLVLASYNRCKQEKTFAESTIKNELTLGEFVAEISDNFNNFMCDEVARISDLVASYLPREYLPPFIDGNMMGVAFQI
LGIDDFGRKLNEIVQDIGTKYIILSKNKTYLTSLERAKLITQLKLNLE
;
A,B
2 'polypeptide(L)'
;GTSSMADIGSEPFSLKTHRFNPFAYVDFGNDVVLTEDILSQIDTRLKGHGMVASGGDFSTQIFGLAKLVFPERPNEKDPF
FSNQARNLFVINCNIYRDLMWTKKGLEFVKRKKIIMPETPTMFFIGSMASGINLIDEDTNMEKVVSLMEFFGGEEDKSGD
NLRVLSPATRNMWNSFKTMGGARETYSSVQGVYTSAFAPYNNAMIRNFTS
;
C,D
#
# COMPACT_ATOMS: atom_id res chain seq x y z
N GLY A 9 11.71 -10.84 34.62
CA GLY A 9 11.04 -9.89 33.76
C GLY A 9 11.80 -8.59 33.59
N SER A 10 13.08 -8.64 33.97
CA SER A 10 13.94 -7.45 33.92
C SER A 10 13.79 -6.66 32.63
N GLU A 11 13.89 -7.35 31.49
CA GLU A 11 14.12 -6.75 30.19
C GLU A 11 12.83 -6.60 29.37
N LEU A 12 11.66 -6.63 30.00
CA LEU A 12 10.39 -6.65 29.31
C LEU A 12 9.61 -5.36 29.57
N GLY A 13 8.56 -5.17 28.78
CA GLY A 13 7.77 -3.95 28.83
C GLY A 13 8.01 -3.00 27.67
N PHE A 14 8.64 -3.46 26.60
CA PHE A 14 9.01 -2.62 25.45
C PHE A 14 9.58 -1.29 25.96
N ASN A 15 10.66 -1.40 26.74
CA ASN A 15 11.19 -0.28 27.50
C ASN A 15 11.91 0.71 26.58
N GLU A 16 12.48 1.75 27.20
CA GLU A 16 13.01 2.85 26.40
C GLU A 16 14.21 2.41 25.57
N ALA A 17 15.05 1.54 26.13
CA ALA A 17 16.20 1.05 25.40
C ALA A 17 15.79 0.29 24.14
N GLU A 18 14.73 -0.53 24.24
CA GLU A 18 14.27 -1.26 23.07
C GLU A 18 13.65 -0.32 22.05
N ARG A 19 12.90 0.69 22.49
CA ARG A 19 12.31 1.65 21.57
C ARG A 19 13.40 2.50 20.91
N GLN A 20 14.45 2.85 21.68
CA GLN A 20 15.54 3.62 21.10
C GLN A 20 16.31 2.83 20.05
N LYS A 21 16.48 1.52 20.27
CA LYS A 21 17.13 0.69 19.24
C LYS A 21 16.39 0.81 17.92
N ILE A 22 15.06 0.73 17.97
CA ILE A 22 14.30 0.77 16.72
C ILE A 22 14.39 2.14 16.08
N LEU A 23 14.27 3.21 16.88
CA LEU A 23 14.45 4.55 16.34
C LEU A 23 15.83 4.72 15.73
N ASP A 24 16.87 4.25 16.43
CA ASP A 24 18.24 4.39 15.93
C ASP A 24 18.40 3.63 14.61
N SER A 25 17.84 2.43 14.53
CA SER A 25 18.04 1.63 13.33
C SER A 25 17.35 2.22 12.10
N ASN A 26 16.41 3.13 12.29
CA ASN A 26 15.75 3.79 11.16
C ASN A 26 16.04 5.28 11.12
N SER A 27 17.03 5.73 11.90
CA SER A 27 17.31 7.16 12.04
C SER A 27 17.84 7.75 10.73
N SER A 28 18.58 6.95 9.95
CA SER A 28 19.16 7.44 8.70
C SER A 28 18.10 7.98 7.76
N LEU A 29 16.98 7.26 7.62
CA LEU A 29 15.95 7.63 6.65
C LEU A 29 15.45 9.06 6.90
N MET A 30 15.28 9.44 8.17
CA MET A 30 14.74 10.76 8.48
C MET A 30 15.78 11.87 8.28
N GLY A 31 17.04 11.59 8.60
CA GLY A 31 17.98 12.68 8.68
C GLY A 31 17.50 13.67 9.72
N ASN A 32 17.57 14.95 9.39
CA ASN A 32 16.92 15.99 10.19
C ASN A 32 15.78 16.53 9.34
N ALA A 33 14.68 15.77 9.32
CA ALA A 33 13.54 16.16 8.50
C ALA A 33 13.05 17.56 8.86
N ASN A 34 13.12 17.91 10.15
CA ASN A 34 12.67 19.22 10.59
C ASN A 34 13.54 20.33 10.01
N GLU A 35 14.87 20.15 10.10
CA GLU A 35 15.79 21.12 9.51
C GLU A 35 15.54 21.25 8.01
N VAL A 36 15.41 20.12 7.32
CA VAL A 36 15.20 20.12 5.88
C VAL A 36 13.88 20.82 5.55
N ARG A 37 12.83 20.52 6.31
CA ARG A 37 11.55 21.20 6.11
C ARG A 37 11.68 22.70 6.35
N ASP A 38 12.35 23.09 7.43
CA ASP A 38 12.46 24.51 7.77
C ASP A 38 13.27 25.26 6.71
N LYS A 39 14.40 24.68 6.31
CA LYS A 39 15.22 25.31 5.27
C LYS A 39 14.44 25.44 3.97
N PHE A 40 13.75 24.36 3.57
CA PHE A 40 13.02 24.39 2.32
C PHE A 40 11.89 25.42 2.37
N ILE A 41 11.14 25.47 3.47
CA ILE A 41 9.96 26.34 3.51
C ILE A 41 10.38 27.80 3.50
N GLN A 42 11.47 28.12 4.20
CA GLN A 42 12.02 29.48 4.19
C GLN A 42 12.44 29.90 2.79
N ASN A 43 13.11 28.99 2.07
CA ASN A 43 13.69 29.35 0.77
C ASN A 43 12.65 29.40 -0.35
N TYR A 44 11.61 28.58 -0.32
CA TYR A 44 10.80 28.38 -1.52
C TYR A 44 9.34 28.72 -1.37
N ALA A 45 8.86 29.00 -0.16
CA ALA A 45 7.43 29.05 0.07
C ALA A 45 6.90 30.44 0.38
N SER A 46 7.77 31.39 0.74
CA SER A 46 7.27 32.69 1.19
C SER A 46 6.45 33.39 0.11
N SER A 47 6.82 33.22 -1.15
CA SER A 47 6.11 33.87 -2.24
C SER A 47 4.63 33.50 -2.29
N LEU A 48 4.20 32.45 -1.59
CA LEU A 48 2.80 32.07 -1.59
C LEU A 48 1.91 33.18 -1.04
N LYS A 49 2.44 33.99 -0.13
CA LYS A 49 1.65 35.04 0.51
C LYS A 49 1.23 36.11 -0.50
N ASP A 50 2.05 36.35 -1.53
CA ASP A 50 1.82 37.40 -2.51
C ASP A 50 1.06 36.92 -3.75
N SER A 51 0.43 35.75 -3.69
CA SER A 51 -0.34 35.26 -4.82
C SER A 51 -1.39 36.27 -5.22
N ASN A 52 -1.48 36.55 -6.52
CA ASN A 52 -2.36 37.61 -7.00
C ASN A 52 -3.83 37.22 -6.88
N ASP A 53 -4.15 35.92 -6.96
CA ASP A 53 -5.54 35.51 -6.99
C ASP A 53 -5.60 34.00 -6.80
N PRO A 54 -6.80 33.38 -6.77
CA PRO A 54 -6.86 31.92 -6.57
C PRO A 54 -6.05 31.11 -7.55
N GLN A 55 -6.24 31.34 -8.87
CA GLN A 55 -5.49 30.62 -9.89
C GLN A 55 -3.99 30.75 -9.65
N ASP A 56 -3.52 31.97 -9.39
CA ASP A 56 -2.10 32.22 -9.19
C ASP A 56 -1.56 31.48 -7.97
N PHE A 57 -2.34 31.44 -6.89
CA PHE A 57 -1.94 30.65 -5.72
C PHE A 57 -1.68 29.20 -6.11
N LEU A 58 -2.67 28.55 -6.72
CA LEU A 58 -2.53 27.15 -7.09
C LEU A 58 -1.32 26.95 -7.98
N ARG A 59 -1.10 27.88 -8.92
CA ARG A 59 0.08 27.82 -9.77
C ARG A 59 1.37 27.88 -8.95
N ARG A 60 1.40 28.75 -7.94
CA ARG A 60 2.58 28.80 -7.08
C ARG A 60 2.73 27.53 -6.25
N VAL A 61 1.62 26.87 -5.92
CA VAL A 61 1.72 25.65 -5.13
C VAL A 61 2.30 24.54 -5.99
N GLN A 62 1.87 24.43 -7.25
CA GLN A 62 2.46 23.45 -8.16
C GLN A 62 3.95 23.70 -8.32
N GLU A 63 4.36 24.95 -8.43
CA GLU A 63 5.79 25.25 -8.50
C GLU A 63 6.50 24.86 -7.21
N LEU A 64 5.84 25.06 -6.06
CA LEU A 64 6.43 24.61 -4.81
C LEU A 64 6.58 23.08 -4.78
N ARG A 65 5.61 22.37 -5.33
CA ARG A 65 5.68 20.91 -5.41
C ARG A 65 6.86 20.47 -6.28
N ILE A 66 7.02 21.09 -7.45
CA ILE A 66 8.16 20.78 -8.32
C ILE A 66 9.47 21.07 -7.61
N ASN A 67 9.52 22.13 -6.81
CA ASN A 67 10.75 22.43 -6.08
C ASN A 67 11.02 21.43 -4.95
N MET A 68 9.98 20.88 -4.34
CA MET A 68 10.17 19.80 -3.37
C MET A 68 10.90 18.62 -4.02
N GLN A 69 10.44 18.22 -5.20
CA GLN A 69 11.06 17.11 -5.91
C GLN A 69 12.51 17.41 -6.25
N LYS A 70 12.79 18.61 -6.76
CA LYS A 70 14.16 18.99 -7.07
C LYS A 70 15.03 18.98 -5.83
N ASN A 71 14.44 19.19 -4.65
CA ASN A 71 15.19 19.10 -3.41
C ASN A 71 15.12 17.70 -2.77
N PHE A 72 14.66 16.69 -3.50
CA PHE A 72 14.60 15.31 -3.00
C PHE A 72 13.72 15.19 -1.76
N ILE A 73 12.66 15.99 -1.70
CA ILE A 73 11.66 15.89 -0.64
C ILE A 73 10.54 15.00 -1.15
N SER A 74 10.33 13.86 -0.50
CA SER A 74 9.19 13.02 -0.84
C SER A 74 8.62 12.42 0.44
N PHE A 75 7.29 12.39 0.51
CA PHE A 75 6.67 11.77 1.68
C PHE A 75 6.76 10.25 1.64
N ASP A 76 7.20 9.66 0.52
CA ASP A 76 7.37 8.22 0.45
C ASP A 76 8.37 7.73 1.49
N VAL A 77 9.45 8.48 1.72
CA VAL A 77 10.41 8.04 2.73
C VAL A 77 9.77 8.04 4.12
N TYR A 78 8.85 8.97 4.37
CA TYR A 78 8.24 9.06 5.69
C TYR A 78 7.25 7.93 5.90
N TYR A 79 6.53 7.56 4.85
CA TYR A 79 5.64 6.41 4.93
C TYR A 79 6.42 5.12 5.14
N ASN A 80 7.53 4.92 4.41
CA ASN A 80 8.36 3.73 4.63
C ASN A 80 8.89 3.69 6.05
N TYR A 81 9.37 4.83 6.54
CA TYR A 81 9.89 4.91 7.89
C TYR A 81 8.85 4.42 8.90
N LEU A 82 7.60 4.85 8.74
CA LEU A 82 6.56 4.43 9.67
C LEU A 82 6.27 2.94 9.53
N ASN A 83 6.23 2.43 8.28
CA ASN A 83 6.09 1.00 8.08
C ASN A 83 7.22 0.22 8.73
N ASN A 84 8.46 0.68 8.53
CA ASN A 84 9.59 0.06 9.21
C ASN A 84 9.38 0.01 10.73
N LEU A 85 8.88 1.12 11.31
CA LEU A 85 8.72 1.18 12.77
C LEU A 85 7.65 0.22 13.26
N VAL A 86 6.49 0.17 12.58
CA VAL A 86 5.42 -0.70 13.06
C VAL A 86 5.89 -2.14 13.06
N LEU A 87 6.58 -2.55 12.00
CA LEU A 87 7.00 -3.94 11.86
C LEU A 87 8.00 -4.32 12.93
N ALA A 88 9.03 -3.48 13.13
CA ALA A 88 10.03 -3.78 14.15
C ALA A 88 9.43 -3.71 15.55
N SER A 89 8.58 -2.71 15.80
CA SER A 89 7.91 -2.59 17.08
C SER A 89 7.05 -3.80 17.36
N TYR A 90 6.18 -4.16 16.41
CA TYR A 90 5.31 -5.30 16.62
C TYR A 90 6.12 -6.57 16.85
N ASN A 91 7.18 -6.77 16.07
CA ASN A 91 8.03 -7.95 16.20
C ASN A 91 8.59 -8.06 17.62
N ARG A 92 9.20 -6.99 18.12
CA ARG A 92 9.76 -6.99 19.47
C ARG A 92 8.69 -7.24 20.52
N CYS A 93 7.57 -6.50 20.44
CA CYS A 93 6.52 -6.65 21.43
C CYS A 93 5.91 -8.06 21.38
N LYS A 94 5.79 -8.63 20.19
CA LYS A 94 5.24 -9.99 20.11
C LYS A 94 6.20 -10.99 20.74
N GLN A 95 7.51 -10.81 20.53
CA GLN A 95 8.49 -11.66 21.23
C GLN A 95 8.38 -11.51 22.74
N GLU A 96 8.26 -10.27 23.23
CA GLU A 96 8.18 -10.06 24.68
C GLU A 96 6.91 -10.65 25.25
N LYS A 97 5.78 -10.43 24.59
CA LYS A 97 4.51 -10.93 25.08
C LYS A 97 4.50 -12.45 25.16
N THR A 98 4.91 -13.13 24.08
CA THR A 98 4.89 -14.59 24.07
C THR A 98 5.93 -15.16 25.05
N PHE A 99 7.09 -14.52 25.12
CA PHE A 99 8.06 -14.93 26.14
C PHE A 99 7.47 -14.76 27.54
N ALA A 100 6.82 -13.63 27.80
CA ALA A 100 6.21 -13.43 29.12
C ALA A 100 5.14 -14.48 29.38
N GLU A 101 4.33 -14.81 28.38
CA GLU A 101 3.27 -15.81 28.56
C GLU A 101 3.82 -17.21 28.81
N SER A 102 5.01 -17.52 28.33
CA SER A 102 5.54 -18.86 28.53
C SER A 102 6.28 -18.99 29.84
N THR A 103 6.74 -17.88 30.43
CA THR A 103 7.60 -17.89 31.59
C THR A 103 6.96 -17.35 32.85
N ILE A 104 6.03 -16.39 32.76
CA ILE A 104 5.48 -15.76 33.96
C ILE A 104 4.26 -16.54 34.42
N LYS A 105 4.36 -17.12 35.63
CA LYS A 105 3.29 -17.94 36.18
C LYS A 105 2.35 -17.14 37.08
N ASN A 106 2.79 -16.01 37.62
CA ASN A 106 1.87 -15.11 38.31
C ASN A 106 0.97 -14.44 37.29
N GLU A 107 -0.32 -14.79 37.33
CA GLU A 107 -1.26 -14.34 36.30
C GLU A 107 -1.54 -12.84 36.39
N LEU A 108 -1.47 -12.26 37.60
CA LEU A 108 -1.64 -10.81 37.72
C LEU A 108 -0.40 -10.09 37.22
N THR A 109 0.78 -10.61 37.57
CA THR A 109 2.02 -10.06 37.04
C THR A 109 2.05 -10.16 35.51
N LEU A 110 1.61 -11.29 34.96
CA LEU A 110 1.59 -11.45 33.51
C LEU A 110 0.70 -10.37 32.87
N GLY A 111 -0.52 -10.22 33.37
CA GLY A 111 -1.41 -9.20 32.85
C GLY A 111 -0.81 -7.81 32.88
N GLU A 112 -0.01 -7.51 33.90
CA GLU A 112 0.63 -6.21 33.99
C GLU A 112 1.70 -6.05 32.92
N PHE A 113 2.47 -7.11 32.64
CA PHE A 113 3.45 -7.01 31.56
C PHE A 113 2.76 -6.87 30.21
N VAL A 114 1.69 -7.63 29.97
CA VAL A 114 0.99 -7.54 28.70
C VAL A 114 0.44 -6.12 28.48
N ALA A 115 -0.12 -5.52 29.53
CA ALA A 115 -0.63 -4.15 29.44
C ALA A 115 0.49 -3.14 29.18
N GLU A 116 1.63 -3.32 29.84
CA GLU A 116 2.74 -2.39 29.65
C GLU A 116 3.37 -2.54 28.27
N ILE A 117 3.58 -3.76 27.82
CA ILE A 117 4.12 -3.98 26.48
C ILE A 117 3.22 -3.31 25.44
N SER A 118 1.92 -3.60 25.50
CA SER A 118 1.01 -3.13 24.46
C SER A 118 0.78 -1.63 24.55
N ASP A 119 0.70 -1.08 25.78
CA ASP A 119 0.58 0.38 25.94
C ASP A 119 1.76 1.10 25.32
N ASN A 120 2.97 0.58 25.53
CA ASN A 120 4.16 1.24 25.01
C ASN A 120 4.27 1.07 23.50
N PHE A 121 3.86 -0.08 22.98
CA PHE A 121 3.73 -0.21 21.53
C PHE A 121 2.82 0.87 20.99
N ASN A 122 1.65 1.02 21.62
CA ASN A 122 0.61 1.90 21.11
C ASN A 122 1.08 3.35 21.12
N ASN A 123 1.61 3.79 22.26
CA ASN A 123 2.06 5.18 22.39
C ASN A 123 3.30 5.46 21.57
N PHE A 124 4.24 4.52 21.52
CA PHE A 124 5.40 4.65 20.63
C PHE A 124 4.96 4.92 19.20
N MET A 125 4.05 4.09 18.69
CA MET A 125 3.69 4.21 17.29
C MET A 125 2.87 5.47 17.05
N CYS A 126 1.89 5.75 17.93
CA CYS A 126 1.03 6.90 17.73
C CYS A 126 1.81 8.21 17.80
N ASP A 127 2.80 8.27 18.70
CA ASP A 127 3.62 9.48 18.81
C ASP A 127 4.46 9.69 17.56
N GLU A 128 5.04 8.63 17.00
CA GLU A 128 5.81 8.79 15.77
C GLU A 128 4.92 9.13 14.59
N VAL A 129 3.73 8.52 14.52
CA VAL A 129 2.78 8.87 13.46
C VAL A 129 2.43 10.36 13.55
N ALA A 130 2.10 10.83 14.77
CA ALA A 130 1.78 12.25 14.95
C ALA A 130 2.94 13.16 14.54
N ARG A 131 4.16 12.80 14.93
CA ARG A 131 5.32 13.59 14.53
C ARG A 131 5.44 13.65 13.01
N ILE A 132 5.36 12.50 12.33
CA ILE A 132 5.49 12.49 10.86
C ILE A 132 4.31 13.21 10.20
N SER A 133 3.10 12.99 10.72
CA SER A 133 1.92 13.65 10.16
C SER A 133 1.99 15.16 10.30
N ASP A 134 2.52 15.66 11.43
CA ASP A 134 2.64 17.11 11.60
C ASP A 134 3.67 17.67 10.64
N LEU A 135 4.79 16.96 10.50
CA LEU A 135 5.81 17.35 9.54
C LEU A 135 5.24 17.48 8.13
N VAL A 136 4.49 16.47 7.69
CA VAL A 136 3.99 16.46 6.32
C VAL A 136 3.00 17.60 6.11
N ALA A 137 2.08 17.77 7.05
CA ALA A 137 1.06 18.81 6.92
C ALA A 137 1.68 20.20 6.88
N SER A 138 2.83 20.37 7.53
CA SER A 138 3.46 21.69 7.57
C SER A 138 4.08 22.10 6.24
N TYR A 139 4.11 21.21 5.22
CA TYR A 139 4.62 21.64 3.91
C TYR A 139 3.61 22.55 3.19
N LEU A 140 2.45 22.78 3.78
CA LEU A 140 1.55 23.84 3.40
C LEU A 140 1.63 24.85 4.52
N PRO A 141 2.61 25.76 4.52
CA PRO A 141 2.89 26.57 5.71
C PRO A 141 1.85 27.66 5.89
N ARG A 142 1.18 27.67 7.04
CA ARG A 142 0.04 28.56 7.19
C ARG A 142 0.45 30.02 7.24
N GLU A 143 1.67 30.32 7.71
CA GLU A 143 2.14 31.69 7.78
C GLU A 143 2.33 32.33 6.41
N TYR A 144 2.37 31.53 5.34
CA TYR A 144 2.57 32.06 4.01
C TYR A 144 1.31 31.97 3.17
N LEU A 145 0.18 31.66 3.77
CA LEU A 145 -1.05 31.65 3.00
C LEU A 145 -1.44 33.09 2.62
N PRO A 146 -2.11 33.26 1.48
CA PRO A 146 -2.55 34.61 1.07
C PRO A 146 -3.82 35.00 1.82
N PRO A 147 -4.10 36.31 1.92
CA PRO A 147 -5.22 36.76 2.77
C PRO A 147 -6.59 36.33 2.27
N PHE A 148 -6.76 36.05 0.99
CA PHE A 148 -8.03 35.56 0.45
C PHE A 148 -8.13 34.04 0.44
N ILE A 149 -7.22 33.34 1.14
CA ILE A 149 -7.25 31.87 1.17
C ILE A 149 -8.62 31.38 1.59
N ASP A 150 -9.13 30.39 0.88
CA ASP A 150 -10.39 29.76 1.27
C ASP A 150 -10.27 28.25 1.32
N GLY A 151 -11.38 27.55 1.52
CA GLY A 151 -11.32 26.12 1.74
C GLY A 151 -11.01 25.33 0.48
N ASN A 152 -11.48 25.80 -0.66
CA ASN A 152 -11.25 25.03 -1.89
C ASN A 152 -9.82 25.20 -2.38
N MET A 153 -9.24 26.39 -2.21
CA MET A 153 -7.81 26.55 -2.49
C MET A 153 -6.97 25.68 -1.56
N MET A 154 -7.34 25.62 -0.27
CA MET A 154 -6.59 24.84 0.69
C MET A 154 -6.63 23.36 0.32
N GLY A 155 -7.84 22.84 0.11
CA GLY A 155 -7.99 21.46 -0.30
C GLY A 155 -7.15 21.11 -1.52
N VAL A 156 -7.30 21.90 -2.59
CA VAL A 156 -6.54 21.59 -3.81
C VAL A 156 -5.05 21.73 -3.53
N ALA A 157 -4.65 22.67 -2.69
CA ALA A 157 -3.23 22.81 -2.38
C ALA A 157 -2.71 21.58 -1.63
N PHE A 158 -3.52 21.03 -0.71
CA PHE A 158 -3.17 19.79 -0.04
C PHE A 158 -2.98 18.64 -1.03
N GLN A 159 -3.87 18.58 -2.03
CA GLN A 159 -3.73 17.57 -3.06
C GLN A 159 -2.44 17.77 -3.87
N ILE A 160 -2.21 18.99 -4.35
CA ILE A 160 -1.05 19.27 -5.21
C ILE A 160 0.25 18.89 -4.51
N LEU A 161 0.36 19.20 -3.22
CA LEU A 161 1.61 18.98 -2.50
C LEU A 161 1.85 17.51 -2.14
N GLY A 162 0.90 16.62 -2.41
CA GLY A 162 1.01 15.24 -1.95
C GLY A 162 0.62 15.00 -0.52
N ILE A 163 0.13 16.02 0.19
CA ILE A 163 -0.26 15.86 1.59
C ILE A 163 -1.57 15.11 1.71
N ASP A 164 -2.51 15.37 0.81
CA ASP A 164 -3.74 14.59 0.79
C ASP A 164 -3.44 13.12 0.59
N ASP A 165 -2.58 12.79 -0.39
CA ASP A 165 -2.27 11.38 -0.63
C ASP A 165 -1.61 10.76 0.60
N PHE A 166 -0.68 11.47 1.24
CA PHE A 166 -0.08 10.96 2.47
C PHE A 166 -1.13 10.69 3.54
N GLY A 167 -2.12 11.59 3.68
CA GLY A 167 -3.20 11.36 4.62
C GLY A 167 -3.94 10.07 4.35
N ARG A 168 -4.14 9.73 3.08
CA ARG A 168 -4.76 8.44 2.75
C ARG A 168 -3.89 7.27 3.16
N LYS A 169 -2.59 7.35 2.87
CA LYS A 169 -1.67 6.31 3.32
C LYS A 169 -1.67 6.18 4.84
N LEU A 170 -1.86 7.29 5.57
CA LEU A 170 -1.90 7.20 7.03
C LEU A 170 -3.04 6.31 7.50
N ASN A 171 -4.17 6.30 6.78
CA ASN A 171 -5.28 5.42 7.14
C ASN A 171 -4.80 3.97 7.26
N GLU A 172 -3.97 3.53 6.33
CA GLU A 172 -3.51 2.15 6.33
C GLU A 172 -2.64 1.86 7.55
N ILE A 173 -1.70 2.76 7.85
CA ILE A 173 -0.81 2.56 8.98
C ILE A 173 -1.58 2.62 10.29
N VAL A 174 -2.49 3.59 10.42
CA VAL A 174 -3.26 3.72 11.66
C VAL A 174 -4.13 2.49 11.87
N GLN A 175 -4.75 2.00 10.80
CA GLN A 175 -5.56 0.80 10.92
C GLN A 175 -4.69 -0.38 11.34
N ASP A 176 -3.49 -0.49 10.75
CA ASP A 176 -2.56 -1.57 11.08
C ASP A 176 -2.09 -1.47 12.54
N ILE A 177 -1.72 -0.27 12.99
CA ILE A 177 -1.35 -0.09 14.39
C ILE A 177 -2.51 -0.50 15.30
N GLY A 178 -3.74 -0.12 14.92
CA GLY A 178 -4.90 -0.45 15.72
C GLY A 178 -5.11 -1.95 15.89
N THR A 179 -5.00 -2.69 14.78
CA THR A 179 -5.19 -4.14 14.86
C THR A 179 -4.10 -4.78 15.71
N LYS A 180 -2.85 -4.38 15.47
CA LYS A 180 -1.73 -4.95 16.22
C LYS A 180 -1.87 -4.64 17.72
N TYR A 181 -2.35 -3.43 18.04
CA TYR A 181 -2.54 -3.09 19.45
C TYR A 181 -3.65 -3.91 20.07
N ILE A 182 -4.74 -4.11 19.33
CA ILE A 182 -5.81 -4.97 19.80
C ILE A 182 -5.29 -6.39 20.09
N ILE A 183 -4.41 -6.90 19.23
CA ILE A 183 -3.82 -8.23 19.46
C ILE A 183 -2.90 -8.23 20.68
N LEU A 184 -1.97 -7.27 20.74
CA LEU A 184 -0.97 -7.29 21.81
C LEU A 184 -1.60 -7.08 23.18
N SER A 185 -2.67 -6.28 23.25
CA SER A 185 -3.31 -5.88 24.49
C SER A 185 -4.42 -6.84 24.89
N LYS A 186 -4.77 -7.77 24.02
CA LYS A 186 -5.93 -8.64 24.17
C LYS A 186 -7.18 -7.82 24.46
N ASN A 187 -7.20 -6.58 23.97
CA ASN A 187 -8.36 -5.71 24.04
C ASN A 187 -8.75 -5.35 25.47
N LYS A 188 -7.83 -5.46 26.43
CA LYS A 188 -8.20 -5.34 27.84
C LYS A 188 -8.59 -3.92 28.24
N THR A 189 -8.27 -2.92 27.41
CA THR A 189 -8.72 -1.56 27.68
C THR A 189 -10.24 -1.46 27.70
N TYR A 190 -10.93 -2.33 26.99
CA TYR A 190 -12.35 -2.15 26.75
C TYR A 190 -13.15 -3.22 27.48
N LEU A 191 -14.35 -2.85 27.90
CA LEU A 191 -15.19 -3.71 28.72
C LEU A 191 -15.82 -4.83 27.91
N THR A 192 -16.02 -5.98 28.56
CA THR A 192 -16.97 -6.96 28.04
C THR A 192 -18.39 -6.38 28.14
N SER A 193 -19.30 -6.96 27.37
CA SER A 193 -20.69 -6.50 27.39
C SER A 193 -21.30 -6.64 28.78
N LEU A 194 -20.92 -7.69 29.53
CA LEU A 194 -21.48 -7.85 30.88
C LEU A 194 -20.87 -6.85 31.86
N GLU A 195 -19.53 -6.72 31.85
CA GLU A 195 -18.88 -5.68 32.65
C GLU A 195 -19.49 -4.31 32.36
N ARG A 196 -19.81 -4.04 31.09
CA ARG A 196 -20.33 -2.73 30.74
C ARG A 196 -21.76 -2.57 31.25
N ALA A 197 -22.59 -3.60 31.06
CA ALA A 197 -23.96 -3.56 31.55
C ALA A 197 -24.01 -3.32 33.05
N LYS A 198 -23.07 -3.91 33.80
CA LYS A 198 -23.02 -3.74 35.25
C LYS A 198 -22.56 -2.32 35.61
N LEU A 199 -21.56 -1.79 34.90
CA LEU A 199 -21.09 -0.45 35.23
C LEU A 199 -22.16 0.58 34.90
N ILE A 200 -22.91 0.36 33.82
CA ILE A 200 -24.00 1.28 33.52
C ILE A 200 -25.03 1.26 34.66
N THR A 201 -25.27 0.07 35.22
CA THR A 201 -26.17 -0.06 36.36
C THR A 201 -25.60 0.67 37.58
N GLN A 202 -24.37 0.33 37.98
CA GLN A 202 -23.78 0.96 39.14
C GLN A 202 -23.68 2.47 38.97
N LEU A 203 -23.39 2.92 37.76
CA LEU A 203 -23.27 4.36 37.56
C LEU A 203 -24.62 5.04 37.53
N LYS A 204 -25.70 4.27 37.43
CA LYS A 204 -27.06 4.79 37.30
C LYS A 204 -27.18 5.70 36.08
N LEU A 205 -26.58 5.29 34.97
CA LEU A 205 -26.86 5.95 33.69
C LEU A 205 -28.12 5.37 33.07
N ASN A 206 -28.97 6.24 32.54
CA ASN A 206 -30.13 5.82 31.77
C ASN A 206 -29.87 6.21 30.32
N LEU A 207 -29.64 5.21 29.48
CA LEU A 207 -29.15 5.43 28.13
C LEU A 207 -30.27 5.30 27.11
N GLU A 208 -30.29 6.23 26.15
CA GLU A 208 -31.26 6.32 25.05
C GLU A 208 -32.61 6.83 25.53
N GLY B 9 32.63 11.88 -14.05
CA GLY B 9 32.27 11.37 -12.73
C GLY B 9 32.71 9.93 -12.52
N SER B 10 33.73 9.75 -11.70
CA SER B 10 34.29 8.43 -11.42
C SER B 10 33.41 7.59 -10.49
N GLU B 11 32.39 8.19 -9.88
CA GLU B 11 31.47 7.51 -8.98
C GLU B 11 30.07 7.38 -9.55
N LEU B 12 29.88 7.69 -10.83
CA LEU B 12 28.59 7.63 -11.51
C LEU B 12 28.36 6.22 -12.09
N GLY B 13 27.11 5.92 -12.36
CA GLY B 13 26.75 4.65 -12.96
C GLY B 13 26.15 3.61 -12.02
N PHE B 14 25.62 4.03 -10.87
CA PHE B 14 25.05 3.14 -9.85
C PHE B 14 25.87 1.85 -9.76
N ASN B 15 27.11 1.95 -9.31
CA ASN B 15 28.07 0.87 -9.42
C ASN B 15 27.87 -0.16 -8.31
N GLU B 16 28.66 -1.24 -8.37
CA GLU B 16 28.54 -2.33 -7.41
C GLU B 16 28.62 -1.85 -5.98
N ALA B 17 29.55 -0.94 -5.69
CA ALA B 17 29.71 -0.49 -4.32
C ALA B 17 28.49 0.27 -3.84
N GLU B 18 27.90 1.10 -4.71
CA GLU B 18 26.71 1.83 -4.28
C GLU B 18 25.53 0.88 -4.08
N ARG B 19 25.36 -0.08 -4.98
CA ARG B 19 24.32 -1.09 -4.78
C ARG B 19 24.58 -1.89 -3.51
N GLN B 20 25.85 -2.27 -3.28
CA GLN B 20 26.18 -3.06 -2.10
C GLN B 20 25.86 -2.31 -0.81
N LYS B 21 26.12 -1.00 -0.79
CA LYS B 21 25.79 -0.23 0.41
C LYS B 21 24.31 -0.27 0.71
N ILE B 22 23.47 -0.24 -0.34
CA ILE B 22 22.02 -0.29 -0.13
C ILE B 22 21.61 -1.67 0.37
N LEU B 23 22.18 -2.72 -0.23
CA LEU B 23 21.98 -4.07 0.27
C LEU B 23 22.42 -4.19 1.73
N ASP B 24 23.62 -3.70 2.05
CA ASP B 24 24.12 -3.81 3.42
C ASP B 24 23.24 -3.04 4.39
N SER B 25 22.81 -1.84 4.00
CA SER B 25 22.02 -1.03 4.91
C SER B 25 20.62 -1.58 5.15
N ASN B 26 20.18 -2.58 4.39
CA ASN B 26 18.83 -3.10 4.50
C ASN B 26 18.78 -4.57 4.79
N SER B 27 19.93 -5.24 4.87
CA SER B 27 19.95 -6.68 5.07
C SER B 27 19.60 -7.10 6.49
N SER B 28 19.37 -6.17 7.42
CA SER B 28 18.98 -6.57 8.76
C SER B 28 17.62 -7.26 8.75
N LEU B 29 16.69 -6.76 7.93
CA LEU B 29 15.37 -7.36 7.81
C LEU B 29 15.44 -8.75 7.18
N MET B 30 16.29 -8.92 6.17
CA MET B 30 16.41 -10.16 5.40
C MET B 30 17.55 -11.03 5.88
N GLY B 31 17.83 -11.03 7.17
CA GLY B 31 18.80 -11.97 7.70
C GLY B 31 18.39 -13.39 7.39
N ASN B 32 19.35 -14.16 6.90
CA ASN B 32 19.25 -15.58 6.59
C ASN B 32 17.86 -16.06 6.17
N ALA B 33 17.20 -15.31 5.28
CA ALA B 33 15.84 -15.62 4.88
C ALA B 33 15.73 -16.98 4.21
N ASN B 34 16.72 -17.35 3.39
CA ASN B 34 16.66 -18.65 2.73
C ASN B 34 16.82 -19.79 3.72
N GLU B 35 17.67 -19.60 4.72
CA GLU B 35 17.84 -20.60 5.77
C GLU B 35 16.61 -20.70 6.66
N VAL B 36 16.01 -19.55 6.99
CA VAL B 36 14.74 -19.56 7.72
C VAL B 36 13.69 -20.34 6.95
N ARG B 37 13.60 -20.11 5.65
CA ARG B 37 12.62 -20.83 4.86
C ARG B 37 12.93 -22.33 4.84
N ASP B 38 14.19 -22.69 4.59
CA ASP B 38 14.53 -24.11 4.44
C ASP B 38 14.30 -24.86 5.75
N LYS B 39 14.69 -24.27 6.88
CA LYS B 39 14.45 -24.96 8.15
C LYS B 39 12.97 -25.05 8.47
N PHE B 40 12.22 -23.97 8.22
CA PHE B 40 10.79 -24.00 8.52
C PHE B 40 10.08 -25.05 7.67
N ILE B 41 10.36 -25.07 6.37
CA ILE B 41 9.72 -26.03 5.47
C ILE B 41 10.12 -27.44 5.84
N GLN B 42 11.41 -27.66 6.13
CA GLN B 42 11.86 -28.97 6.58
C GLN B 42 11.10 -29.42 7.82
N ASN B 43 10.99 -28.54 8.82
CA ASN B 43 10.47 -28.94 10.11
C ASN B 43 8.95 -28.94 10.18
N TYR B 44 8.25 -28.32 9.24
CA TYR B 44 6.81 -28.15 9.40
C TYR B 44 5.95 -28.55 8.20
N ALA B 45 6.50 -28.67 7.01
CA ALA B 45 5.65 -28.80 5.82
C ALA B 45 5.63 -30.21 5.24
N SER B 46 6.52 -31.10 5.69
CA SER B 46 6.66 -32.40 5.05
C SER B 46 5.39 -33.23 5.16
N SER B 47 4.62 -33.05 6.24
CA SER B 47 3.37 -33.78 6.38
C SER B 47 2.33 -33.42 5.34
N LEU B 48 2.55 -32.38 4.52
CA LEU B 48 1.59 -32.08 3.47
C LEU B 48 1.49 -33.22 2.47
N LYS B 49 2.60 -33.93 2.24
CA LYS B 49 2.63 -35.01 1.27
C LYS B 49 1.73 -36.18 1.67
N ASP B 50 1.54 -36.40 2.98
CA ASP B 50 0.65 -37.42 3.49
C ASP B 50 -0.78 -36.93 3.69
N SER B 51 -1.19 -35.87 3.01
CA SER B 51 -2.57 -35.41 3.13
C SER B 51 -3.48 -36.49 2.57
N ASN B 52 -4.65 -36.66 3.19
CA ASN B 52 -5.49 -37.79 2.83
C ASN B 52 -6.58 -37.45 1.82
N ASP B 53 -7.08 -36.23 1.82
CA ASP B 53 -8.00 -35.78 0.77
C ASP B 53 -7.76 -34.30 0.57
N PRO B 54 -8.33 -33.72 -0.51
CA PRO B 54 -8.18 -32.26 -0.71
C PRO B 54 -8.54 -31.42 0.51
N GLN B 55 -9.61 -31.77 1.22
CA GLN B 55 -9.98 -30.98 2.38
C GLN B 55 -8.99 -31.16 3.52
N ASP B 56 -8.36 -32.34 3.63
CA ASP B 56 -7.32 -32.53 4.64
C ASP B 56 -6.04 -31.79 4.28
N PHE B 57 -5.73 -31.70 2.98
CA PHE B 57 -4.58 -30.94 2.54
C PHE B 57 -4.73 -29.45 2.92
N LEU B 58 -5.92 -28.89 2.70
CA LEU B 58 -6.12 -27.48 2.97
C LEU B 58 -6.11 -27.20 4.47
N ARG B 59 -6.65 -28.11 5.28
CA ARG B 59 -6.54 -27.94 6.72
C ARG B 59 -5.09 -27.98 7.18
N ARG B 60 -4.28 -28.88 6.60
CA ARG B 60 -2.86 -28.87 6.94
C ARG B 60 -2.16 -27.60 6.41
N VAL B 61 -2.62 -27.03 5.31
CA VAL B 61 -2.05 -25.78 4.82
C VAL B 61 -2.36 -24.65 5.80
N GLN B 62 -3.60 -24.61 6.30
CA GLN B 62 -3.97 -23.63 7.31
C GLN B 62 -3.11 -23.78 8.56
N GLU B 63 -2.83 -25.02 8.99
CA GLU B 63 -1.93 -25.22 10.13
C GLU B 63 -0.52 -24.75 9.81
N LEU B 64 -0.07 -25.00 8.59
CA LEU B 64 1.24 -24.49 8.17
C LEU B 64 1.28 -22.96 8.29
N ARG B 65 0.21 -22.29 7.84
CA ARG B 65 0.11 -20.84 8.02
C ARG B 65 0.21 -20.45 9.49
N ILE B 66 -0.52 -21.15 10.36
CA ILE B 66 -0.46 -20.82 11.78
C ILE B 66 0.96 -20.96 12.30
N ASN B 67 1.65 -22.03 11.89
CA ASN B 67 3.02 -22.24 12.37
C ASN B 67 3.98 -21.19 11.82
N MET B 68 3.72 -20.71 10.58
CA MET B 68 4.50 -19.59 10.04
C MET B 68 4.47 -18.40 10.99
N GLN B 69 3.28 -17.99 11.39
CA GLN B 69 3.14 -16.87 12.32
C GLN B 69 3.81 -17.17 13.65
N LYS B 70 3.64 -18.39 14.17
CA LYS B 70 4.28 -18.75 15.44
C LYS B 70 5.80 -18.67 15.33
N ASN B 71 6.34 -18.91 14.14
CA ASN B 71 7.76 -18.84 13.90
C ASN B 71 8.21 -17.47 13.42
N PHE B 72 7.36 -16.45 13.57
CA PHE B 72 7.67 -15.06 13.23
C PHE B 72 8.01 -14.88 11.75
N ILE B 73 7.36 -15.64 10.87
CA ILE B 73 7.59 -15.51 9.44
C ILE B 73 6.47 -14.64 8.89
N SER B 74 6.84 -13.53 8.25
CA SER B 74 5.87 -12.57 7.76
C SER B 74 6.33 -12.03 6.41
N PHE B 75 5.47 -12.14 5.40
CA PHE B 75 5.85 -11.57 4.11
C PHE B 75 5.83 -10.05 4.14
N ASP B 76 5.18 -9.46 5.15
CA ASP B 76 5.20 -8.01 5.30
C ASP B 76 6.62 -7.48 5.40
N VAL B 77 7.50 -8.25 6.06
CA VAL B 77 8.90 -7.83 6.18
C VAL B 77 9.56 -7.81 4.81
N TYR B 78 9.21 -8.77 3.96
CA TYR B 78 9.85 -8.84 2.65
C TYR B 78 9.34 -7.73 1.75
N TYR B 79 8.06 -7.38 1.89
CA TYR B 79 7.51 -6.29 1.09
C TYR B 79 8.13 -4.95 1.51
N ASN B 80 8.29 -4.73 2.83
CA ASN B 80 8.96 -3.54 3.34
C ASN B 80 10.38 -3.42 2.83
N TYR B 81 11.08 -4.55 2.81
CA TYR B 81 12.47 -4.57 2.35
C TYR B 81 12.55 -4.07 0.90
N LEU B 82 11.66 -4.57 0.05
CA LEU B 82 11.66 -4.17 -1.35
C LEU B 82 11.34 -2.68 -1.49
N ASN B 83 10.39 -2.18 -0.69
CA ASN B 83 10.08 -0.75 -0.71
C ASN B 83 11.29 0.08 -0.28
N ASN B 84 12.00 -0.38 0.77
CA ASN B 84 13.23 0.28 1.21
C ASN B 84 14.24 0.33 0.07
N LEU B 85 14.43 -0.80 -0.62
CA LEU B 85 15.38 -0.88 -1.72
C LEU B 85 15.03 0.08 -2.84
N VAL B 86 13.75 0.07 -3.28
CA VAL B 86 13.37 0.91 -4.42
C VAL B 86 13.65 2.36 -4.12
N LEU B 87 13.32 2.80 -2.90
CA LEU B 87 13.45 4.21 -2.56
C LEU B 87 14.90 4.64 -2.45
N ALA B 88 15.73 3.80 -1.81
CA ALA B 88 17.16 4.12 -1.70
C ALA B 88 17.84 4.10 -3.06
N SER B 89 17.54 3.08 -3.88
CA SER B 89 18.08 2.96 -5.24
C SER B 89 17.67 4.13 -6.11
N TYR B 90 16.39 4.46 -6.12
CA TYR B 90 15.93 5.56 -6.95
C TYR B 90 16.57 6.87 -6.50
N ASN B 91 16.68 7.09 -5.19
CA ASN B 91 17.30 8.30 -4.67
C ASN B 91 18.73 8.44 -5.16
N ARG B 92 19.52 7.36 -5.05
CA ARG B 92 20.92 7.43 -5.45
C ARG B 92 21.05 7.64 -6.95
N CYS B 93 20.25 6.91 -7.73
CA CYS B 93 20.30 7.06 -9.18
C CYS B 93 19.83 8.43 -9.62
N LYS B 94 18.77 8.96 -8.98
CA LYS B 94 18.35 10.32 -9.29
C LYS B 94 19.45 11.33 -8.96
N GLN B 95 20.15 11.14 -7.84
CA GLN B 95 21.26 12.01 -7.49
C GLN B 95 22.36 11.94 -8.56
N GLU B 96 22.72 10.72 -8.99
CA GLU B 96 23.75 10.57 -10.02
C GLU B 96 23.32 11.15 -11.34
N LYS B 97 22.06 10.89 -11.75
CA LYS B 97 21.61 11.38 -13.04
C LYS B 97 21.58 12.90 -13.07
N THR B 98 21.05 13.53 -12.03
CA THR B 98 20.96 15.00 -12.06
C THR B 98 22.36 15.61 -12.02
N PHE B 99 23.26 15.01 -11.26
CA PHE B 99 24.65 15.46 -11.27
C PHE B 99 25.28 15.34 -12.65
N ALA B 100 25.08 14.19 -13.32
CA ALA B 100 25.64 14.00 -14.65
C ALA B 100 25.04 14.99 -15.65
N GLU B 101 23.74 15.29 -15.50
CA GLU B 101 23.10 16.18 -16.46
C GLU B 101 23.59 17.61 -16.33
N SER B 102 24.04 17.99 -15.13
CA SER B 102 24.50 19.35 -14.92
C SER B 102 26.00 19.52 -15.18
N THR B 103 26.76 18.41 -15.23
CA THR B 103 28.21 18.47 -15.38
C THR B 103 28.75 17.89 -16.69
N ILE B 104 28.00 17.06 -17.39
CA ILE B 104 28.52 16.37 -18.57
C ILE B 104 27.80 16.97 -19.78
N LYS B 105 28.49 17.87 -20.49
CA LYS B 105 27.88 18.56 -21.61
C LYS B 105 28.03 17.84 -22.94
N ASN B 106 28.95 16.88 -23.05
CA ASN B 106 28.95 15.98 -24.21
C ASN B 106 27.73 15.07 -24.18
N GLU B 107 26.81 15.25 -25.14
CA GLU B 107 25.54 14.50 -25.11
C GLU B 107 25.77 12.99 -25.19
N LEU B 108 26.75 12.55 -25.98
CA LEU B 108 27.03 11.13 -26.11
C LEU B 108 27.47 10.53 -24.78
N THR B 109 28.46 11.15 -24.14
CA THR B 109 28.92 10.68 -22.84
C THR B 109 27.78 10.66 -21.84
N LEU B 110 26.98 11.72 -21.82
CA LEU B 110 25.89 11.80 -20.86
C LEU B 110 24.89 10.68 -21.07
N GLY B 111 24.49 10.44 -22.33
CA GLY B 111 23.56 9.37 -22.64
C GLY B 111 24.05 8.00 -22.21
N GLU B 112 25.36 7.76 -22.29
CA GLU B 112 25.93 6.50 -21.84
C GLU B 112 25.83 6.38 -20.33
N PHE B 113 26.10 7.47 -19.60
CA PHE B 113 25.96 7.41 -18.16
C PHE B 113 24.51 7.23 -17.76
N VAL B 114 23.59 7.91 -18.44
CA VAL B 114 22.17 7.82 -18.12
C VAL B 114 21.67 6.40 -18.34
N ALA B 115 22.13 5.76 -19.42
CA ALA B 115 21.73 4.37 -19.71
C ALA B 115 22.32 3.39 -18.70
N GLU B 116 23.56 3.60 -18.27
CA GLU B 116 24.18 2.70 -17.30
C GLU B 116 23.51 2.84 -15.93
N ILE B 117 23.29 4.08 -15.49
CA ILE B 117 22.61 4.32 -14.21
C ILE B 117 21.24 3.65 -14.21
N SER B 118 20.46 3.89 -15.26
CA SER B 118 19.08 3.39 -15.27
C SER B 118 19.04 1.88 -15.49
N ASP B 119 19.92 1.36 -16.35
CA ASP B 119 20.01 -0.10 -16.51
C ASP B 119 20.34 -0.77 -15.18
N ASN B 120 21.31 -0.21 -14.45
CA ASN B 120 21.71 -0.81 -13.20
C ASN B 120 20.61 -0.70 -12.15
N PHE B 121 19.88 0.42 -12.13
CA PHE B 121 18.71 0.50 -11.28
C PHE B 121 17.71 -0.61 -11.63
N ASN B 122 17.45 -0.78 -12.92
CA ASN B 122 16.42 -1.71 -13.37
C ASN B 122 16.79 -3.15 -13.03
N ASN B 123 18.02 -3.55 -13.35
CA ASN B 123 18.44 -4.91 -13.06
C ASN B 123 18.62 -5.16 -11.57
N PHE B 124 19.12 -4.18 -10.82
CA PHE B 124 19.25 -4.34 -9.38
C PHE B 124 17.88 -4.59 -8.74
N MET B 125 16.90 -3.74 -9.06
CA MET B 125 15.57 -3.88 -8.47
C MET B 125 14.88 -5.17 -8.95
N CYS B 126 14.93 -5.44 -10.25
CA CYS B 126 14.28 -6.64 -10.78
C CYS B 126 14.90 -7.91 -10.20
N ASP B 127 16.25 -7.97 -10.09
CA ASP B 127 16.88 -9.16 -9.49
C ASP B 127 16.44 -9.36 -8.04
N GLU B 128 16.36 -8.28 -7.26
CA GLU B 128 15.96 -8.44 -5.87
C GLU B 128 14.48 -8.82 -5.76
N VAL B 129 13.63 -8.24 -6.61
CA VAL B 129 12.23 -8.63 -6.59
C VAL B 129 12.09 -10.12 -6.88
N ALA B 130 12.80 -10.61 -7.90
CA ALA B 130 12.71 -12.02 -8.25
C ALA B 130 13.20 -12.91 -7.11
N ARG B 131 14.27 -12.49 -6.42
CA ARG B 131 14.75 -13.29 -5.28
C ARG B 131 13.70 -13.38 -4.20
N ILE B 132 13.08 -12.24 -3.84
CA ILE B 132 12.02 -12.24 -2.82
C ILE B 132 10.80 -13.02 -3.31
N SER B 133 10.40 -12.79 -4.56
CA SER B 133 9.21 -13.46 -5.09
C SER B 133 9.38 -14.98 -5.05
N ASP B 134 10.53 -15.48 -5.52
CA ASP B 134 10.81 -16.92 -5.47
C ASP B 134 10.75 -17.44 -4.04
N LEU B 135 11.33 -16.69 -3.09
CA LEU B 135 11.34 -17.11 -1.71
C LEU B 135 9.92 -17.25 -1.17
N VAL B 136 9.09 -16.25 -1.42
CA VAL B 136 7.72 -16.28 -0.93
C VAL B 136 6.95 -17.45 -1.55
N ALA B 137 7.09 -17.62 -2.86
CA ALA B 137 6.34 -18.68 -3.50
C ALA B 137 6.81 -20.07 -3.07
N SER B 138 8.07 -20.19 -2.65
CA SER B 138 8.59 -21.46 -2.16
C SER B 138 8.01 -21.88 -0.82
N TYR B 139 7.22 -21.03 -0.14
CA TYR B 139 6.57 -21.48 1.09
C TYR B 139 5.36 -22.39 0.81
N LEU B 140 5.03 -22.62 -0.45
CA LEU B 140 4.17 -23.71 -0.86
C LEU B 140 5.10 -24.71 -1.51
N PRO B 141 5.70 -25.63 -0.75
CA PRO B 141 6.89 -26.35 -1.25
C PRO B 141 6.51 -27.48 -2.19
N ARG B 142 7.12 -27.46 -3.39
CA ARG B 142 6.80 -28.45 -4.40
C ARG B 142 7.13 -29.87 -3.93
N GLU B 143 8.26 -30.05 -3.26
CA GLU B 143 8.69 -31.38 -2.85
C GLU B 143 7.71 -32.07 -1.90
N TYR B 144 6.69 -31.35 -1.39
CA TYR B 144 5.78 -31.92 -0.40
C TYR B 144 4.31 -31.86 -0.81
N LEU B 145 3.96 -31.62 -2.07
CA LEU B 145 2.55 -31.68 -2.43
C LEU B 145 2.08 -33.13 -2.47
N PRO B 146 0.86 -33.39 -2.02
CA PRO B 146 0.29 -34.74 -2.12
C PRO B 146 0.08 -35.13 -3.58
N PRO B 147 0.01 -36.43 -3.89
CA PRO B 147 0.00 -36.85 -5.30
C PRO B 147 -1.25 -36.46 -6.08
N PHE B 148 -2.38 -36.20 -5.40
CA PHE B 148 -3.62 -35.79 -6.03
C PHE B 148 -3.78 -34.28 -6.15
N ILE B 149 -2.70 -33.52 -6.01
CA ILE B 149 -2.79 -32.05 -6.01
C ILE B 149 -3.37 -31.59 -7.34
N ASP B 150 -4.38 -30.73 -7.30
CA ASP B 150 -4.94 -30.16 -8.52
C ASP B 150 -4.85 -28.63 -8.47
N GLY B 151 -5.35 -27.99 -9.52
CA GLY B 151 -5.21 -26.55 -9.63
C GLY B 151 -5.98 -25.77 -8.59
N ASN B 152 -7.15 -26.29 -8.19
CA ASN B 152 -7.96 -25.56 -7.22
C ASN B 152 -7.39 -25.67 -5.81
N MET B 153 -6.91 -26.85 -5.43
CA MET B 153 -6.22 -26.98 -4.15
C MET B 153 -5.00 -26.07 -4.10
N MET B 154 -4.26 -26.02 -5.19
CA MET B 154 -3.07 -25.17 -5.29
C MET B 154 -3.45 -23.70 -5.12
N GLY B 155 -4.49 -23.27 -5.84
CA GLY B 155 -4.91 -21.88 -5.76
C GLY B 155 -5.33 -21.49 -4.36
N VAL B 156 -6.15 -22.33 -3.72
CA VAL B 156 -6.59 -22.04 -2.37
C VAL B 156 -5.39 -22.03 -1.41
N ALA B 157 -4.47 -22.97 -1.59
CA ALA B 157 -3.29 -23.02 -0.72
C ALA B 157 -2.44 -21.74 -0.85
N PHE B 158 -2.23 -21.25 -2.09
CA PHE B 158 -1.53 -19.99 -2.28
C PHE B 158 -2.22 -18.87 -1.52
N GLN B 159 -3.57 -18.88 -1.50
CA GLN B 159 -4.33 -17.87 -0.78
C GLN B 159 -4.15 -18.01 0.74
N ILE B 160 -4.24 -19.25 1.25
CA ILE B 160 -4.16 -19.46 2.70
C ILE B 160 -2.81 -19.03 3.24
N LEU B 161 -1.74 -19.36 2.53
CA LEU B 161 -0.38 -19.09 2.95
C LEU B 161 0.03 -17.62 2.83
N GLY B 162 -0.84 -16.76 2.32
CA GLY B 162 -0.50 -15.35 2.11
C GLY B 162 0.31 -15.09 0.87
N ILE B 163 0.54 -16.12 0.04
CA ILE B 163 1.36 -15.95 -1.14
C ILE B 163 0.61 -15.20 -2.23
N ASP B 164 -0.69 -15.48 -2.39
CA ASP B 164 -1.52 -14.72 -3.33
C ASP B 164 -1.53 -13.24 -2.99
N ASP B 165 -1.79 -12.90 -1.72
CA ASP B 165 -1.81 -11.51 -1.31
C ASP B 165 -0.47 -10.83 -1.60
N PHE B 166 0.63 -11.54 -1.35
CA PHE B 166 1.96 -10.99 -1.66
C PHE B 166 2.10 -10.74 -3.16
N GLY B 167 1.62 -11.66 -3.99
CA GLY B 167 1.63 -11.42 -5.43
C GLY B 167 0.93 -10.14 -5.82
N ARG B 168 -0.19 -9.82 -5.17
CA ARG B 168 -0.87 -8.56 -5.43
C ARG B 168 -0.01 -7.37 -5.03
N LYS B 169 0.65 -7.45 -3.88
CA LYS B 169 1.52 -6.36 -3.47
C LYS B 169 2.69 -6.19 -4.43
N LEU B 170 3.18 -7.31 -4.99
CA LEU B 170 4.25 -7.22 -5.99
C LEU B 170 3.84 -6.38 -7.19
N ASN B 171 2.54 -6.38 -7.55
CA ASN B 171 2.06 -5.53 -8.64
C ASN B 171 2.38 -4.06 -8.38
N GLU B 172 2.21 -3.61 -7.13
CA GLU B 172 2.48 -2.22 -6.80
C GLU B 172 3.96 -1.91 -6.93
N ILE B 173 4.82 -2.81 -6.44
CA ILE B 173 6.26 -2.57 -6.48
C ILE B 173 6.77 -2.63 -7.93
N VAL B 174 6.33 -3.60 -8.70
CA VAL B 174 6.77 -3.71 -10.09
C VAL B 174 6.34 -2.47 -10.87
N GLN B 175 5.12 -1.99 -10.66
CA GLN B 175 4.66 -0.80 -11.36
C GLN B 175 5.51 0.41 -10.98
N ASP B 176 5.81 0.57 -9.69
CA ASP B 176 6.63 1.68 -9.22
C ASP B 176 8.04 1.60 -9.81
N ILE B 177 8.65 0.42 -9.80
CA ILE B 177 9.94 0.23 -10.45
C ILE B 177 9.85 0.62 -11.92
N GLY B 178 8.77 0.22 -12.58
CA GLY B 178 8.62 0.51 -14.00
C GLY B 178 8.58 2.00 -14.29
N THR B 179 7.76 2.74 -13.54
CA THR B 179 7.69 4.18 -13.73
C THR B 179 9.04 4.83 -13.46
N LYS B 180 9.69 4.45 -12.35
CA LYS B 180 10.98 5.01 -11.99
C LYS B 180 12.04 4.72 -13.06
N TYR B 181 12.01 3.52 -13.63
CA TYR B 181 12.97 3.21 -14.67
C TYR B 181 12.68 4.02 -15.95
N ILE B 182 11.41 4.22 -16.27
CA ILE B 182 11.06 5.06 -17.41
C ILE B 182 11.58 6.48 -17.22
N ILE B 183 11.47 7.02 -16.00
CA ILE B 183 11.99 8.35 -15.71
C ILE B 183 13.52 8.36 -15.80
N LEU B 184 14.16 7.39 -15.16
CA LEU B 184 15.62 7.41 -15.08
C LEU B 184 16.25 7.22 -16.44
N SER B 185 15.66 6.35 -17.28
CA SER B 185 16.25 6.02 -18.57
C SER B 185 15.83 6.97 -19.68
N LYS B 186 14.88 7.87 -19.40
CA LYS B 186 14.25 8.70 -20.41
C LYS B 186 13.62 7.88 -21.52
N ASN B 187 13.25 6.63 -21.21
CA ASN B 187 12.54 5.76 -22.14
C ASN B 187 13.37 5.43 -23.38
N LYS B 188 14.70 5.57 -23.29
CA LYS B 188 15.55 5.48 -24.48
C LYS B 188 15.67 4.07 -25.02
N THR B 189 15.27 3.06 -24.26
CA THR B 189 15.22 1.68 -24.74
C THR B 189 14.24 1.51 -25.89
N TYR B 190 13.20 2.33 -25.93
CA TYR B 190 12.10 2.13 -26.85
C TYR B 190 12.13 3.17 -27.95
N LEU B 191 11.63 2.78 -29.12
CA LEU B 191 11.72 3.62 -30.31
C LEU B 191 10.71 4.76 -30.28
N THR B 192 11.05 5.85 -30.92
CA THR B 192 10.02 6.81 -31.29
C THR B 192 9.15 6.20 -32.40
N SER B 193 7.96 6.78 -32.57
CA SER B 193 7.05 6.35 -33.63
C SER B 193 7.74 6.41 -34.99
N LEU B 194 8.46 7.51 -35.24
CA LEU B 194 9.13 7.69 -36.53
C LEU B 194 10.26 6.69 -36.71
N GLU B 195 11.15 6.55 -35.71
CA GLU B 195 12.20 5.56 -35.81
C GLU B 195 11.63 4.16 -36.06
N ARG B 196 10.48 3.88 -35.44
CA ARG B 196 9.91 2.54 -35.58
C ARG B 196 9.36 2.32 -36.98
N ALA B 197 8.64 3.31 -37.51
CA ALA B 197 8.15 3.19 -38.88
C ALA B 197 9.30 3.05 -39.87
N LYS B 198 10.41 3.75 -39.62
CA LYS B 198 11.60 3.60 -40.45
C LYS B 198 12.16 2.18 -40.36
N LEU B 199 12.34 1.67 -39.14
CA LEU B 199 12.93 0.34 -38.99
C LEU B 199 12.05 -0.73 -39.59
N ILE B 200 10.73 -0.56 -39.52
CA ILE B 200 9.82 -1.54 -40.10
C ILE B 200 9.99 -1.58 -41.62
N THR B 201 10.09 -0.40 -42.25
CA THR B 201 10.38 -0.32 -43.67
C THR B 201 11.71 -1.00 -44.00
N GLN B 202 12.78 -0.54 -43.37
CA GLN B 202 14.11 -1.10 -43.59
C GLN B 202 14.12 -2.62 -43.45
N LEU B 203 13.34 -3.16 -42.51
CA LEU B 203 13.33 -4.60 -42.28
C LEU B 203 12.36 -5.33 -43.21
N LYS B 204 11.59 -4.59 -44.00
CA LYS B 204 10.57 -5.18 -44.87
C LYS B 204 9.64 -6.10 -44.08
N LEU B 205 9.33 -5.70 -42.85
CA LEU B 205 8.23 -6.32 -42.13
C LEU B 205 6.92 -5.78 -42.69
N ASN B 206 6.01 -6.68 -43.03
CA ASN B 206 4.67 -6.27 -43.44
C ASN B 206 3.74 -6.72 -42.31
N LEU B 207 3.29 -5.75 -41.52
CA LEU B 207 2.54 -6.02 -40.31
C LEU B 207 1.04 -5.93 -40.57
N GLU B 208 0.30 -6.84 -39.95
CA GLU B 208 -1.16 -6.95 -40.04
C GLU B 208 -1.63 -7.46 -41.40
N ARG C 19 -34.79 -1.05 10.39
CA ARG C 19 -34.40 -1.75 11.61
C ARG C 19 -32.96 -2.27 11.56
N PHE C 20 -32.34 -2.24 10.38
CA PHE C 20 -30.96 -2.68 10.23
C PHE C 20 -30.01 -1.57 10.68
N ASN C 21 -29.08 -1.92 11.57
CA ASN C 21 -28.09 -0.97 12.10
C ASN C 21 -26.71 -1.56 11.87
N PRO C 22 -25.89 -0.96 11.01
CA PRO C 22 -24.58 -1.57 10.75
C PRO C 22 -23.71 -1.64 11.99
N PHE C 23 -23.85 -0.69 12.92
CA PHE C 23 -23.10 -0.74 14.17
C PHE C 23 -23.46 -1.92 15.04
N ALA C 24 -24.59 -2.59 14.79
CA ALA C 24 -24.88 -3.80 15.53
C ALA C 24 -23.93 -4.93 15.20
N TYR C 25 -23.11 -4.79 14.15
CA TYR C 25 -22.17 -5.83 13.75
C TYR C 25 -20.72 -5.37 13.87
N VAL C 26 -20.50 -4.29 14.62
CA VAL C 26 -19.17 -3.78 14.97
C VAL C 26 -18.91 -4.22 16.41
N ASP C 27 -17.72 -4.77 16.67
CA ASP C 27 -17.40 -5.25 18.03
C ASP C 27 -16.69 -4.12 18.78
N PHE C 28 -17.45 -3.41 19.61
CA PHE C 28 -16.89 -2.29 20.38
C PHE C 28 -16.14 -2.76 21.60
N GLY C 29 -16.52 -3.91 22.15
CA GLY C 29 -16.03 -4.34 23.45
C GLY C 29 -15.08 -5.51 23.37
N ASN C 30 -14.83 -6.09 24.55
CA ASN C 30 -13.90 -7.20 24.69
C ASN C 30 -14.67 -8.49 24.90
N ASP C 31 -15.51 -8.85 23.94
CA ASP C 31 -16.29 -10.07 24.06
C ASP C 31 -15.67 -11.26 23.32
N VAL C 32 -14.91 -11.02 22.25
CA VAL C 32 -14.32 -12.08 21.43
C VAL C 32 -12.84 -12.24 21.76
N VAL C 33 -12.39 -13.48 21.89
CA VAL C 33 -10.97 -13.79 22.00
C VAL C 33 -10.33 -13.59 20.63
N LEU C 34 -9.42 -12.62 20.55
CA LEU C 34 -8.78 -12.26 19.28
C LEU C 34 -7.28 -12.52 19.38
N THR C 35 -6.79 -13.47 18.61
CA THR C 35 -5.38 -13.77 18.49
C THR C 35 -4.95 -13.61 17.04
N GLU C 36 -3.63 -13.55 16.83
CA GLU C 36 -3.08 -13.57 15.48
C GLU C 36 -3.63 -14.75 14.69
N ASP C 37 -3.65 -15.94 15.31
CA ASP C 37 -4.11 -17.13 14.62
C ASP C 37 -5.56 -16.98 14.15
N ILE C 38 -6.46 -16.59 15.05
CA ILE C 38 -7.85 -16.36 14.67
C ILE C 38 -7.94 -15.32 13.56
N LEU C 39 -7.21 -14.21 13.71
CA LEU C 39 -7.31 -13.11 12.74
C LEU C 39 -6.77 -13.51 11.38
N SER C 40 -5.82 -14.45 11.32
CA SER C 40 -5.25 -14.87 10.05
C SER C 40 -6.25 -15.60 9.16
N GLN C 41 -7.26 -16.24 9.76
CA GLN C 41 -8.26 -16.95 8.99
C GLN C 41 -9.23 -16.00 8.28
N ILE C 42 -9.57 -14.87 8.89
CA ILE C 42 -10.55 -13.93 8.36
C ILE C 42 -10.05 -13.10 7.18
N MET C 51 -25.07 -3.31 4.25
CA MET C 51 -23.96 -2.42 4.59
C MET C 51 -23.24 -2.88 5.87
N VAL C 52 -22.51 -3.99 5.83
CA VAL C 52 -21.76 -4.49 6.99
C VAL C 52 -20.30 -4.69 6.61
N ALA C 53 -19.39 -4.11 7.39
CA ALA C 53 -17.95 -4.17 7.11
C ALA C 53 -17.36 -5.49 7.60
N SER C 54 -16.45 -6.06 6.81
CA SER C 54 -15.78 -7.29 7.18
C SER C 54 -14.65 -7.02 8.18
N GLY C 55 -14.15 -8.08 8.80
CA GLY C 55 -13.03 -7.97 9.71
C GLY C 55 -13.39 -8.48 11.09
N GLY C 56 -12.40 -8.99 11.82
CA GLY C 56 -12.68 -9.52 13.13
C GLY C 56 -12.32 -8.62 14.28
N ASP C 57 -11.73 -7.46 14.03
CA ASP C 57 -11.30 -6.58 15.10
C ASP C 57 -11.86 -5.20 14.84
N PHE C 58 -11.93 -4.39 15.90
CA PHE C 58 -12.58 -3.08 15.78
C PHE C 58 -11.90 -2.22 14.73
N SER C 59 -10.57 -2.26 14.69
CA SER C 59 -9.86 -1.34 13.79
C SER C 59 -10.17 -1.65 12.34
N THR C 60 -10.10 -2.93 11.97
CA THR C 60 -10.45 -3.34 10.62
C THR C 60 -11.91 -2.98 10.30
N GLN C 61 -12.82 -3.31 11.21
CA GLN C 61 -14.25 -3.09 10.94
C GLN C 61 -14.55 -1.61 10.75
N ILE C 62 -13.96 -0.73 11.55
CA ILE C 62 -14.42 0.66 11.54
C ILE C 62 -13.88 1.39 10.31
N PHE C 63 -12.64 1.12 9.92
CA PHE C 63 -12.11 1.69 8.68
C PHE C 63 -12.83 1.09 7.48
N GLY C 64 -13.21 -0.19 7.57
CA GLY C 64 -14.02 -0.78 6.53
C GLY C 64 -15.38 -0.12 6.42
N LEU C 65 -16.05 0.10 7.55
CA LEU C 65 -17.34 0.78 7.50
C LEU C 65 -17.20 2.20 6.97
N ALA C 66 -16.13 2.90 7.38
CA ALA C 66 -15.90 4.25 6.87
C ALA C 66 -15.84 4.26 5.34
N LYS C 67 -15.29 3.20 4.74
CA LYS C 67 -15.20 3.15 3.29
C LYS C 67 -16.56 2.87 2.65
N LEU C 68 -17.45 2.14 3.34
CA LEU C 68 -18.80 1.97 2.81
C LEU C 68 -19.57 3.28 2.87
N VAL C 69 -19.37 4.07 3.93
CA VAL C 69 -20.12 5.31 4.07
C VAL C 69 -19.54 6.39 3.18
N PHE C 70 -18.22 6.41 3.00
CA PHE C 70 -17.53 7.39 2.17
C PHE C 70 -16.71 6.62 1.14
N PRO C 71 -17.35 6.11 0.09
CA PRO C 71 -16.62 5.32 -0.91
C PRO C 71 -15.59 6.18 -1.63
N GLU C 72 -14.59 5.50 -2.21
CA GLU C 72 -13.55 6.19 -2.95
C GLU C 72 -13.98 6.27 -4.41
N ARG C 73 -14.56 7.40 -4.79
CA ARG C 73 -15.08 7.55 -6.14
C ARG C 73 -13.93 7.78 -7.13
N PRO C 74 -13.97 7.14 -8.31
CA PRO C 74 -12.82 7.18 -9.22
C PRO C 74 -12.44 8.59 -9.69
N ASN C 75 -13.34 9.24 -10.41
CA ASN C 75 -13.10 10.57 -10.99
C ASN C 75 -13.66 11.69 -10.11
N GLU C 76 -13.43 11.59 -8.80
CA GLU C 76 -14.00 12.52 -7.85
C GLU C 76 -13.24 13.84 -7.88
N LYS C 77 -14.00 14.94 -7.78
CA LYS C 77 -13.47 16.30 -7.91
C LYS C 77 -12.38 16.58 -6.88
N ASP C 78 -12.79 17.04 -5.69
CA ASP C 78 -11.89 17.37 -4.59
C ASP C 78 -11.85 16.21 -3.60
N PRO C 79 -10.93 15.25 -3.78
CA PRO C 79 -10.90 14.09 -2.87
C PRO C 79 -10.51 14.45 -1.42
N PHE C 80 -9.90 15.61 -1.19
CA PHE C 80 -9.45 15.95 0.16
C PHE C 80 -10.62 16.02 1.14
N PHE C 81 -11.71 16.70 0.75
CA PHE C 81 -12.84 16.85 1.66
C PHE C 81 -13.45 15.50 2.00
N SER C 82 -13.56 14.59 1.03
CA SER C 82 -14.16 13.30 1.34
C SER C 82 -13.20 12.40 2.13
N ASN C 83 -11.91 12.46 1.81
CA ASN C 83 -10.93 11.72 2.60
C ASN C 83 -10.97 12.16 4.05
N GLN C 84 -11.04 13.47 4.28
CA GLN C 84 -11.06 14.00 5.63
C GLN C 84 -12.41 13.78 6.31
N ALA C 85 -13.52 13.80 5.55
CA ALA C 85 -14.80 13.40 6.14
C ALA C 85 -14.77 11.94 6.55
N ARG C 86 -14.10 11.10 5.76
CA ARG C 86 -13.97 9.69 6.11
C ARG C 86 -13.16 9.50 7.39
N ASN C 87 -12.06 10.24 7.53
CA ASN C 87 -11.32 10.25 8.80
C ASN C 87 -12.20 10.71 9.96
N LEU C 88 -13.01 11.75 9.75
CA LEU C 88 -13.88 12.25 10.81
C LEU C 88 -14.84 11.17 11.28
N PHE C 89 -15.39 10.39 10.34
CA PHE C 89 -16.24 9.26 10.71
C PHE C 89 -15.50 8.30 11.64
N VAL C 90 -14.26 7.96 11.30
CA VAL C 90 -13.51 7.03 12.13
C VAL C 90 -13.26 7.64 13.51
N ILE C 91 -12.93 8.93 13.55
CA ILE C 91 -12.70 9.63 14.81
C ILE C 91 -13.95 9.60 15.67
N ASN C 92 -15.12 9.95 15.10
CA ASN C 92 -16.33 9.96 15.90
C ASN C 92 -16.66 8.57 16.45
N CYS C 93 -16.48 7.53 15.64
CA CYS C 93 -16.77 6.19 16.14
C CYS C 93 -15.80 5.77 17.25
N ASN C 94 -14.54 6.19 17.16
CA ASN C 94 -13.59 5.87 18.22
C ASN C 94 -13.90 6.67 19.49
N ILE C 95 -14.40 7.90 19.35
CA ILE C 95 -14.78 8.69 20.52
C ILE C 95 -15.93 8.00 21.25
N TYR C 96 -16.91 7.52 20.49
CA TYR C 96 -17.99 6.74 21.07
C TYR C 96 -17.45 5.53 21.82
N ARG C 97 -16.55 4.77 21.18
CA ARG C 97 -16.03 3.55 21.82
C ARG C 97 -15.25 3.87 23.08
N ASP C 98 -14.41 4.91 23.04
CA ASP C 98 -13.62 5.26 24.21
C ASP C 98 -14.49 5.75 25.37
N LEU C 99 -15.55 6.50 25.05
CA LEU C 99 -16.40 7.03 26.12
C LEU C 99 -17.34 5.97 26.65
N MET C 100 -17.88 5.13 25.77
CA MET C 100 -18.98 4.27 26.18
C MET C 100 -18.55 2.83 26.43
N TRP C 101 -17.32 2.44 26.06
CA TRP C 101 -16.94 1.04 26.21
C TRP C 101 -15.68 0.87 27.03
N THR C 102 -15.27 1.89 27.81
CA THR C 102 -14.22 1.76 28.82
C THR C 102 -14.76 2.20 30.18
N LYS C 103 -14.11 1.72 31.24
CA LYS C 103 -14.51 2.10 32.59
C LYS C 103 -14.33 3.61 32.80
N LYS C 104 -13.14 4.11 32.54
CA LYS C 104 -12.92 5.53 32.79
C LYS C 104 -13.74 6.40 31.85
N GLY C 105 -14.05 5.89 30.65
CA GLY C 105 -14.92 6.66 29.76
C GLY C 105 -16.33 6.77 30.30
N LEU C 106 -16.88 5.65 30.78
CA LEU C 106 -18.24 5.70 31.30
C LEU C 106 -18.33 6.55 32.58
N GLU C 107 -17.30 6.53 33.42
CA GLU C 107 -17.27 7.42 34.58
C GLU C 107 -17.22 8.88 34.14
N PHE C 108 -16.43 9.18 33.10
CA PHE C 108 -16.39 10.52 32.52
C PHE C 108 -17.74 10.91 31.94
N VAL C 109 -18.44 9.98 31.29
CA VAL C 109 -19.75 10.30 30.71
C VAL C 109 -20.75 10.65 31.79
N LYS C 110 -20.75 9.88 32.89
CA LYS C 110 -21.62 10.18 34.03
C LYS C 110 -21.27 11.53 34.60
N ARG C 111 -19.98 11.73 34.91
CA ARG C 111 -19.49 12.98 35.49
C ARG C 111 -19.87 14.20 34.65
N LYS C 112 -19.68 14.12 33.33
CA LYS C 112 -19.91 15.26 32.44
C LYS C 112 -21.33 15.34 31.94
N LYS C 113 -22.18 14.38 32.31
CA LYS C 113 -23.58 14.36 31.88
C LYS C 113 -23.69 14.32 30.36
N ILE C 114 -22.80 13.54 29.73
CA ILE C 114 -22.83 13.41 28.28
C ILE C 114 -23.96 12.48 27.87
N ILE C 115 -24.59 12.79 26.74
CA ILE C 115 -25.72 12.03 26.22
C ILE C 115 -25.26 11.24 25.01
N MET C 116 -25.20 9.92 25.14
CA MET C 116 -24.92 9.02 24.03
C MET C 116 -25.76 7.78 24.18
N PRO C 117 -26.15 7.14 23.08
CA PRO C 117 -27.01 5.96 23.14
C PRO C 117 -26.24 4.71 23.55
N GLU C 118 -27.01 3.71 24.01
CA GLU C 118 -26.42 2.44 24.41
C GLU C 118 -25.85 1.69 23.21
N THR C 119 -26.42 1.87 22.03
CA THR C 119 -25.87 1.31 20.81
C THR C 119 -25.88 2.45 19.81
N PRO C 120 -24.74 2.78 19.20
CA PRO C 120 -24.74 3.89 18.27
C PRO C 120 -25.57 3.56 17.05
N THR C 121 -26.01 4.62 16.37
CA THR C 121 -26.75 4.51 15.12
C THR C 121 -26.09 5.42 14.12
N MET C 122 -26.43 5.21 12.84
CA MET C 122 -25.93 6.12 11.81
C MET C 122 -26.42 7.55 12.07
N PHE C 123 -27.66 7.71 12.53
CA PHE C 123 -28.15 9.05 12.84
C PHE C 123 -27.32 9.71 13.94
N PHE C 124 -27.01 8.95 15.01
CA PHE C 124 -26.20 9.52 16.09
C PHE C 124 -24.79 9.84 15.61
N ILE C 125 -24.17 8.93 14.86
CA ILE C 125 -22.79 9.20 14.45
C ILE C 125 -22.74 10.38 13.50
N GLY C 126 -23.73 10.49 12.61
CA GLY C 126 -23.82 11.69 11.78
C GLY C 126 -23.96 12.95 12.61
N SER C 127 -24.75 12.88 13.68
CA SER C 127 -24.99 14.01 14.54
C SER C 127 -23.75 14.46 15.32
N MET C 128 -22.77 13.57 15.51
CA MET C 128 -21.54 14.00 16.19
C MET C 128 -20.76 15.05 15.39
N ALA C 129 -21.14 15.30 14.13
CA ALA C 129 -20.54 16.39 13.38
C ALA C 129 -20.65 17.72 14.13
N SER C 130 -21.72 17.91 14.89
CA SER C 130 -21.88 19.11 15.69
C SER C 130 -21.15 19.04 17.02
N GLY C 131 -20.86 17.84 17.51
CA GLY C 131 -20.09 17.70 18.74
C GLY C 131 -20.72 16.81 19.81
N ILE C 132 -20.43 17.13 21.06
CA ILE C 132 -20.83 16.32 22.20
C ILE C 132 -22.11 16.90 22.78
N ASN C 133 -23.14 16.05 22.93
CA ASN C 133 -24.36 16.41 23.64
C ASN C 133 -24.19 16.16 25.14
N LEU C 134 -24.44 17.18 25.94
CA LEU C 134 -24.34 17.03 27.38
C LEU C 134 -25.32 17.99 28.05
N ILE C 135 -25.48 17.82 29.35
CA ILE C 135 -26.31 18.68 30.17
C ILE C 135 -25.45 19.81 30.69
N ASP C 136 -25.76 21.04 30.28
CA ASP C 136 -25.11 22.21 30.85
C ASP C 136 -25.31 22.25 32.35
N GLU C 137 -24.23 22.38 33.11
CA GLU C 137 -24.37 22.32 34.56
C GLU C 137 -25.04 23.58 35.12
N ASP C 138 -24.83 24.73 34.48
CA ASP C 138 -25.41 25.98 34.99
C ASP C 138 -26.91 26.03 34.74
N THR C 139 -27.33 25.84 33.50
CA THR C 139 -28.74 25.98 33.12
C THR C 139 -29.51 24.65 33.17
N ASN C 140 -28.83 23.53 33.39
CA ASN C 140 -29.45 22.21 33.46
C ASN C 140 -30.21 21.87 32.18
N MET C 141 -29.83 22.47 31.06
CA MET C 141 -30.44 22.17 29.78
C MET C 141 -29.42 21.54 28.85
N GLU C 142 -29.92 20.72 27.91
CA GLU C 142 -29.04 20.04 26.97
C GLU C 142 -28.43 21.04 26.00
N LYS C 143 -27.13 20.86 25.72
CA LYS C 143 -26.42 21.68 24.77
C LYS C 143 -25.41 20.82 24.02
N VAL C 144 -24.93 21.36 22.90
CA VAL C 144 -23.95 20.70 22.05
C VAL C 144 -22.67 21.52 22.11
N VAL C 145 -21.55 20.86 22.38
CA VAL C 145 -20.23 21.49 22.39
C VAL C 145 -19.42 20.91 21.26
N SER C 146 -18.86 21.78 20.42
CA SER C 146 -18.12 21.33 19.26
C SER C 146 -16.93 20.46 19.68
N LEU C 147 -16.57 19.49 18.84
CA LEU C 147 -15.40 18.69 19.14
C LEU C 147 -14.16 19.56 19.31
N MET C 148 -14.05 20.61 18.50
CA MET C 148 -12.86 21.45 18.56
C MET C 148 -12.71 22.12 19.91
N GLU C 149 -13.83 22.53 20.51
CA GLU C 149 -13.79 23.14 21.83
C GLU C 149 -13.68 22.08 22.91
N PHE C 150 -14.39 20.97 22.73
CA PHE C 150 -14.54 20.02 23.83
C PHE C 150 -13.31 19.15 24.07
N PHE C 151 -12.58 18.76 23.03
CA PHE C 151 -11.43 17.86 23.16
C PHE C 151 -10.16 18.64 22.80
N GLY C 152 -9.49 19.19 23.80
CA GLY C 152 -8.29 19.97 23.56
C GLY C 152 -8.54 21.44 23.26
N GLY C 153 -9.79 21.89 23.22
CA GLY C 153 -10.12 23.24 22.85
C GLY C 153 -10.44 24.12 24.03
N GLU C 154 -11.15 25.22 23.75
CA GLU C 154 -11.35 26.24 24.78
C GLU C 154 -12.27 25.78 25.89
N GLU C 155 -13.08 24.77 25.66
CA GLU C 155 -13.86 24.16 26.73
C GLU C 155 -13.14 22.98 27.35
N ASP C 156 -11.84 22.83 27.13
CA ASP C 156 -11.04 21.78 27.73
C ASP C 156 -9.67 22.33 28.14
N LYS C 157 -9.61 23.55 28.67
CA LYS C 157 -8.32 24.07 29.15
C LYS C 157 -7.72 23.16 30.21
N SER C 158 -8.58 22.47 30.96
CA SER C 158 -8.11 21.46 31.88
C SER C 158 -7.29 20.39 31.18
N GLY C 159 -7.65 20.05 29.94
CA GLY C 159 -7.03 18.95 29.25
C GLY C 159 -7.57 17.58 29.60
N ASP C 160 -8.49 17.51 30.57
CA ASP C 160 -8.99 16.21 31.02
C ASP C 160 -9.87 15.53 29.98
N ASN C 161 -10.60 16.30 29.16
CA ASN C 161 -11.46 15.67 28.16
C ASN C 161 -10.62 14.90 27.15
N LEU C 162 -9.60 15.56 26.58
CA LEU C 162 -8.74 14.90 25.60
C LEU C 162 -8.08 13.65 26.18
N ARG C 163 -7.76 13.66 27.47
CA ARG C 163 -6.99 12.57 28.07
C ARG C 163 -7.80 11.32 28.30
N VAL C 164 -9.13 11.40 28.26
CA VAL C 164 -9.94 10.20 28.40
C VAL C 164 -10.00 9.40 27.10
N LEU C 165 -9.63 10.00 25.97
CA LEU C 165 -9.59 9.28 24.69
C LEU C 165 -8.34 8.40 24.59
N SER C 166 -8.43 7.37 23.74
CA SER C 166 -7.34 6.42 23.55
C SER C 166 -6.22 7.05 22.73
N PRO C 167 -5.01 6.45 22.72
CA PRO C 167 -3.94 7.01 21.89
C PRO C 167 -4.28 7.10 20.41
N ALA C 168 -4.96 6.10 19.85
CA ALA C 168 -5.26 6.16 18.42
C ALA C 168 -6.26 7.29 18.12
N THR C 169 -7.27 7.45 18.98
CA THR C 169 -8.26 8.51 18.79
C THR C 169 -7.61 9.89 18.84
N ARG C 170 -6.78 10.14 19.86
CA ARG C 170 -6.03 11.39 19.93
C ARG C 170 -5.11 11.56 18.73
N ASN C 171 -4.47 10.47 18.30
CA ASN C 171 -3.59 10.56 17.14
C ASN C 171 -4.36 11.02 15.91
N MET C 172 -5.50 10.38 15.64
CA MET C 172 -6.26 10.75 14.47
C MET C 172 -6.83 12.15 14.60
N TRP C 173 -7.28 12.51 15.81
CA TRP C 173 -7.82 13.84 16.03
C TRP C 173 -6.74 14.90 15.85
N ASN C 174 -5.50 14.61 16.28
CA ASN C 174 -4.40 15.52 15.99
C ASN C 174 -4.19 15.71 14.50
N SER C 175 -4.08 14.60 13.75
CA SER C 175 -3.91 14.73 12.30
C SER C 175 -5.04 15.52 11.69
N PHE C 176 -6.27 15.28 12.13
CA PHE C 176 -7.42 15.96 11.53
C PHE C 176 -7.33 17.47 11.72
N LYS C 177 -6.92 17.92 12.90
CA LYS C 177 -6.87 19.37 13.13
C LYS C 177 -5.80 20.05 12.28
N THR C 178 -4.74 19.33 11.90
CA THR C 178 -3.77 19.90 10.97
C THR C 178 -4.22 19.81 9.53
N MET C 179 -5.28 19.05 9.21
CA MET C 179 -5.66 18.90 7.81
C MET C 179 -7.12 19.25 7.57
N GLY C 180 -8.02 18.28 7.46
CA GLY C 180 -9.42 18.62 7.23
C GLY C 180 -10.01 19.61 8.23
N GLY C 181 -9.55 19.60 9.47
CA GLY C 181 -10.06 20.50 10.47
C GLY C 181 -9.41 21.86 10.54
N ALA C 182 -8.51 22.17 9.61
CA ALA C 182 -7.92 23.50 9.54
C ALA C 182 -9.03 24.53 9.37
N ARG C 183 -8.74 25.78 9.77
CA ARG C 183 -9.80 26.79 9.85
C ARG C 183 -10.49 26.98 8.50
N GLU C 184 -9.73 26.90 7.39
CA GLU C 184 -10.31 27.19 6.08
C GLU C 184 -11.22 26.06 5.60
N THR C 185 -10.90 24.81 5.95
CA THR C 185 -11.56 23.67 5.31
C THR C 185 -12.61 22.99 6.16
N TYR C 186 -12.58 23.23 7.48
CA TYR C 186 -13.40 22.44 8.41
C TYR C 186 -14.87 22.41 7.99
N SER C 187 -15.43 23.58 7.68
CA SER C 187 -16.86 23.63 7.34
C SER C 187 -17.17 22.85 6.08
N SER C 188 -16.28 22.91 5.09
CA SER C 188 -16.47 22.10 3.88
C SER C 188 -16.43 20.61 4.20
N VAL C 189 -15.48 20.19 5.04
CA VAL C 189 -15.41 18.78 5.45
C VAL C 189 -16.70 18.37 6.14
N GLN C 190 -17.15 19.19 7.09
CA GLN C 190 -18.39 18.90 7.81
C GLN C 190 -19.57 18.82 6.86
N GLY C 191 -19.59 19.67 5.83
CA GLY C 191 -20.64 19.57 4.83
C GLY C 191 -20.61 18.24 4.10
N VAL C 192 -19.44 17.84 3.62
CA VAL C 192 -19.33 16.55 2.94
C VAL C 192 -19.70 15.42 3.88
N TYR C 193 -19.26 15.51 5.15
CA TYR C 193 -19.58 14.50 6.14
C TYR C 193 -21.09 14.38 6.33
N THR C 194 -21.75 15.52 6.60
CA THR C 194 -23.19 15.51 6.85
C THR C 194 -23.97 15.01 5.64
N SER C 195 -23.50 15.34 4.43
CA SER C 195 -24.16 14.86 3.21
C SER C 195 -24.35 13.35 3.22
N ALA C 196 -23.33 12.61 3.66
CA ALA C 196 -23.41 11.15 3.66
C ALA C 196 -24.50 10.64 4.57
N PHE C 197 -24.96 11.46 5.51
CA PHE C 197 -25.99 11.04 6.45
C PHE C 197 -27.36 11.60 6.09
N ALA C 198 -27.51 12.17 4.90
CA ALA C 198 -28.82 12.58 4.40
C ALA C 198 -29.85 11.45 4.46
N PRO C 199 -29.55 10.19 4.06
CA PRO C 199 -30.55 9.12 4.20
C PRO C 199 -31.13 8.95 5.60
N TYR C 200 -30.52 9.53 6.64
CA TYR C 200 -30.89 9.23 8.01
C TYR C 200 -31.60 10.36 8.75
N ASN C 201 -31.44 11.61 8.33
CA ASN C 201 -32.07 12.73 9.01
C ASN C 201 -33.53 12.92 8.54
N ARG D 19 -15.07 0.48 -33.19
CA ARG D 19 -13.89 1.17 -33.73
C ARG D 19 -12.94 1.56 -32.59
N PHE D 20 -13.43 1.52 -31.35
CA PHE D 20 -12.62 1.90 -30.20
C PHE D 20 -11.65 0.78 -29.81
N ASN D 21 -10.40 1.17 -29.53
CA ASN D 21 -9.33 0.26 -29.11
C ASN D 21 -8.56 0.94 -27.99
N PRO D 22 -8.61 0.40 -26.76
CA PRO D 22 -7.92 1.07 -25.65
C PRO D 22 -6.42 1.20 -25.85
N PHE D 23 -5.80 0.29 -26.62
CA PHE D 23 -4.36 0.35 -26.84
C PHE D 23 -3.96 1.53 -27.73
N ALA D 24 -4.91 2.14 -28.43
CA ALA D 24 -4.60 3.35 -29.18
C ALA D 24 -4.24 4.49 -28.26
N TYR D 25 -4.55 4.38 -26.96
CA TYR D 25 -4.26 5.42 -25.98
C TYR D 25 -3.20 4.98 -24.99
N VAL D 26 -2.51 3.87 -25.26
CA VAL D 26 -1.36 3.42 -24.48
C VAL D 26 -0.10 3.84 -25.21
N ASP D 27 0.82 4.49 -24.48
CA ASP D 27 2.07 4.98 -25.07
C ASP D 27 3.12 3.88 -25.04
N PHE D 28 3.31 3.19 -26.17
CA PHE D 28 4.27 2.09 -26.24
C PHE D 28 5.71 2.54 -26.49
N GLY D 29 5.91 3.70 -27.11
CA GLY D 29 7.22 4.12 -27.54
C GLY D 29 7.74 5.33 -26.80
N ASN D 30 8.72 6.00 -27.42
CA ASN D 30 9.41 7.14 -26.81
C ASN D 30 9.05 8.42 -27.56
N ASP D 31 7.78 8.81 -27.49
CA ASP D 31 7.35 9.98 -28.25
C ASP D 31 7.17 11.24 -27.42
N VAL D 32 7.09 11.15 -26.09
CA VAL D 32 6.92 12.36 -25.31
C VAL D 32 7.91 12.38 -24.15
N VAL D 33 8.44 13.58 -23.87
CA VAL D 33 9.38 13.82 -22.78
C VAL D 33 8.67 13.57 -21.45
N LEU D 34 9.17 12.61 -20.68
CA LEU D 34 8.57 12.24 -19.41
C LEU D 34 9.57 12.47 -18.30
N THR D 35 9.25 13.38 -17.39
CA THR D 35 10.09 13.68 -16.24
C THR D 35 9.26 13.57 -14.97
N GLU D 36 9.96 13.67 -13.84
CA GLU D 36 9.29 13.83 -12.55
C GLU D 36 8.31 15.01 -12.56
N ASP D 37 8.78 16.17 -13.05
CA ASP D 37 7.94 17.36 -13.09
C ASP D 37 6.62 17.09 -13.81
N ILE D 38 6.69 16.49 -14.99
CA ILE D 38 5.48 16.25 -15.78
C ILE D 38 4.61 15.18 -15.13
N LEU D 39 5.22 14.10 -14.64
CA LEU D 39 4.43 12.97 -14.15
C LEU D 39 3.74 13.27 -12.81
N SER D 40 4.24 14.24 -12.03
CA SER D 40 3.59 14.57 -10.76
C SER D 40 2.33 15.40 -10.97
N GLN D 41 2.29 16.21 -12.03
CA GLN D 41 1.07 16.93 -12.38
C GLN D 41 -0.01 15.98 -12.91
N ILE D 42 0.40 14.93 -13.62
CA ILE D 42 -0.53 14.00 -14.25
C ILE D 42 -1.43 13.35 -13.20
N MET D 51 -13.35 2.66 -22.19
CA MET D 51 -12.42 2.09 -21.21
C MET D 51 -10.96 2.46 -21.51
N VAL D 52 -10.48 3.55 -20.91
CA VAL D 52 -9.12 4.03 -21.15
C VAL D 52 -8.43 4.25 -19.81
N ALA D 53 -7.26 3.63 -19.62
CA ALA D 53 -6.52 3.73 -18.38
C ALA D 53 -5.81 5.07 -18.24
N SER D 54 -5.71 5.55 -17.00
CA SER D 54 -5.03 6.80 -16.69
C SER D 54 -3.51 6.58 -16.60
N GLY D 55 -2.77 7.68 -16.50
CA GLY D 55 -1.34 7.58 -16.36
C GLY D 55 -0.61 8.22 -17.54
N GLY D 56 0.59 8.72 -17.25
CA GLY D 56 1.41 9.32 -18.27
C GLY D 56 2.46 8.37 -18.85
N ASP D 57 2.85 7.35 -18.11
CA ASP D 57 3.89 6.43 -18.53
C ASP D 57 3.31 5.04 -18.77
N PHE D 58 4.06 4.23 -19.52
CA PHE D 58 3.56 2.92 -19.92
C PHE D 58 3.29 2.03 -18.71
N SER D 59 4.18 2.06 -17.71
CA SER D 59 3.99 1.22 -16.54
C SER D 59 2.65 1.52 -15.87
N THR D 60 2.39 2.79 -15.56
CA THR D 60 1.11 3.17 -14.96
C THR D 60 -0.07 2.79 -15.86
N GLN D 61 0.04 3.10 -17.15
CA GLN D 61 -1.09 2.86 -18.06
C GLN D 61 -1.43 1.38 -18.16
N ILE D 62 -0.42 0.52 -18.21
CA ILE D 62 -0.69 -0.88 -18.51
C ILE D 62 -1.21 -1.62 -17.28
N PHE D 63 -0.71 -1.27 -16.08
CA PHE D 63 -1.29 -1.84 -14.88
C PHE D 63 -2.71 -1.32 -14.67
N GLY D 64 -2.96 -0.06 -15.03
CA GLY D 64 -4.31 0.48 -14.96
C GLY D 64 -5.27 -0.19 -15.92
N LEU D 65 -4.82 -0.44 -17.15
CA LEU D 65 -5.66 -1.15 -18.11
C LEU D 65 -5.94 -2.58 -17.64
N ALA D 66 -4.92 -3.25 -17.11
CA ALA D 66 -5.09 -4.61 -16.62
C ALA D 66 -6.18 -4.68 -15.55
N LYS D 67 -6.27 -3.66 -14.70
CA LYS D 67 -7.29 -3.66 -13.66
C LYS D 67 -8.69 -3.36 -14.23
N LEU D 68 -8.76 -2.61 -15.34
CA LEU D 68 -10.03 -2.47 -16.04
C LEU D 68 -10.46 -3.79 -16.67
N VAL D 69 -9.54 -4.52 -17.29
CA VAL D 69 -9.89 -5.79 -17.92
C VAL D 69 -10.19 -6.87 -16.88
N PHE D 70 -9.49 -6.84 -15.75
CA PHE D 70 -9.64 -7.83 -14.68
C PHE D 70 -9.91 -7.07 -13.38
N PRO D 71 -11.14 -6.61 -13.16
CA PRO D 71 -11.42 -5.83 -11.96
C PRO D 71 -11.27 -6.68 -10.71
N GLU D 72 -11.10 -6.02 -9.58
CA GLU D 72 -11.10 -6.71 -8.31
C GLU D 72 -12.55 -6.83 -7.84
N ARG D 73 -13.04 -8.06 -7.74
CA ARG D 73 -14.36 -8.33 -7.19
C ARG D 73 -14.21 -8.82 -5.77
N PRO D 74 -14.74 -8.09 -4.77
CA PRO D 74 -14.51 -8.49 -3.35
C PRO D 74 -14.90 -9.93 -3.03
N ASN D 75 -16.14 -10.31 -3.32
CA ASN D 75 -16.55 -11.71 -3.24
C ASN D 75 -15.70 -12.55 -4.18
N GLU D 76 -14.98 -13.51 -3.63
CA GLU D 76 -14.04 -14.27 -4.45
C GLU D 76 -14.55 -15.68 -4.69
N LYS D 77 -14.53 -16.09 -5.94
CA LYS D 77 -14.50 -17.50 -6.33
C LYS D 77 -13.19 -17.60 -7.09
N ASP D 78 -12.09 -17.84 -6.34
CA ASP D 78 -10.71 -17.97 -6.81
C ASP D 78 -10.10 -16.60 -7.14
N PRO D 79 -9.74 -15.81 -6.14
CA PRO D 79 -9.03 -14.56 -6.45
C PRO D 79 -7.63 -14.81 -6.98
N PHE D 80 -7.01 -15.94 -6.63
CA PHE D 80 -5.67 -16.25 -7.13
C PHE D 80 -5.67 -16.34 -8.65
N PHE D 81 -6.60 -17.10 -9.23
CA PHE D 81 -6.62 -17.26 -10.70
C PHE D 81 -6.81 -15.93 -11.39
N SER D 82 -7.72 -15.10 -10.86
CA SER D 82 -8.00 -13.79 -11.41
C SER D 82 -6.79 -12.85 -11.24
N ASN D 83 -6.13 -12.88 -10.08
CA ASN D 83 -4.93 -12.09 -9.88
C ASN D 83 -3.84 -12.48 -10.86
N GLN D 84 -3.68 -13.78 -11.08
CA GLN D 84 -2.61 -14.25 -11.94
C GLN D 84 -2.95 -14.03 -13.41
N ALA D 85 -4.23 -14.05 -13.77
CA ALA D 85 -4.62 -13.71 -15.12
C ALA D 85 -4.36 -12.24 -15.41
N ARG D 86 -4.62 -11.37 -14.43
CA ARG D 86 -4.27 -9.95 -14.58
C ARG D 86 -2.76 -9.78 -14.81
N ASN D 87 -1.94 -10.54 -14.06
CA ASN D 87 -0.49 -10.52 -14.27
C ASN D 87 -0.12 -10.97 -15.68
N LEU D 88 -0.74 -12.05 -16.15
CA LEU D 88 -0.47 -12.53 -17.49
C LEU D 88 -0.85 -11.50 -18.54
N PHE D 89 -1.88 -10.69 -18.27
CA PHE D 89 -2.23 -9.61 -19.18
C PHE D 89 -1.09 -8.58 -19.27
N VAL D 90 -0.57 -8.14 -18.11
CA VAL D 90 0.54 -7.21 -18.09
C VAL D 90 1.75 -7.79 -18.82
N ILE D 91 2.02 -9.08 -18.60
CA ILE D 91 3.16 -9.74 -19.21
C ILE D 91 3.03 -9.73 -20.73
N ASN D 92 1.86 -10.12 -21.25
CA ASN D 92 1.68 -10.16 -22.70
C ASN D 92 1.84 -8.76 -23.31
N CYS D 93 1.29 -7.74 -22.66
CA CYS D 93 1.44 -6.38 -23.20
C CYS D 93 2.90 -5.95 -23.20
N ASN D 94 3.65 -6.29 -22.15
CA ASN D 94 5.08 -6.00 -22.10
C ASN D 94 5.86 -6.80 -23.14
N ILE D 95 5.46 -8.04 -23.40
CA ILE D 95 6.12 -8.81 -24.46
C ILE D 95 5.90 -8.13 -25.81
N TYR D 96 4.67 -7.69 -26.08
CA TYR D 96 4.41 -6.95 -27.31
C TYR D 96 5.30 -5.72 -27.42
N ARG D 97 5.40 -4.95 -26.34
CA ARG D 97 6.20 -3.72 -26.36
C ARG D 97 7.68 -4.03 -26.60
N ASP D 98 8.20 -5.05 -25.94
CA ASP D 98 9.61 -5.37 -26.09
C ASP D 98 9.95 -5.89 -27.48
N LEU D 99 9.05 -6.65 -28.11
CA LEU D 99 9.33 -7.19 -29.43
C LEU D 99 9.07 -6.16 -30.53
N MET D 100 8.03 -5.34 -30.37
CA MET D 100 7.58 -4.50 -31.46
C MET D 100 7.97 -3.03 -31.31
N TRP D 101 8.52 -2.61 -30.18
CA TRP D 101 8.88 -1.20 -30.02
C TRP D 101 10.32 -0.98 -29.61
N THR D 102 11.19 -1.99 -29.79
CA THR D 102 12.63 -1.84 -29.61
C THR D 102 13.32 -2.30 -30.89
N LYS D 103 14.50 -1.75 -31.14
CA LYS D 103 15.25 -2.14 -32.32
C LYS D 103 15.60 -3.63 -32.29
N LYS D 104 16.19 -4.09 -31.18
CA LYS D 104 16.57 -5.49 -31.11
C LYS D 104 15.34 -6.40 -31.10
N GLY D 105 14.21 -5.92 -30.56
CA GLY D 105 12.98 -6.68 -30.65
C GLY D 105 12.49 -6.85 -32.08
N LEU D 106 12.43 -5.75 -32.83
CA LEU D 106 11.93 -5.83 -34.20
C LEU D 106 12.88 -6.64 -35.09
N GLU D 107 14.19 -6.58 -34.85
CA GLU D 107 15.11 -7.44 -35.59
C GLU D 107 14.86 -8.90 -35.25
N PHE D 108 14.60 -9.19 -33.98
CA PHE D 108 14.27 -10.54 -33.55
C PHE D 108 12.97 -11.02 -34.18
N VAL D 109 11.98 -10.13 -34.28
CA VAL D 109 10.71 -10.49 -34.89
C VAL D 109 10.88 -10.82 -36.37
N LYS D 110 11.73 -10.06 -37.07
CA LYS D 110 12.04 -10.36 -38.46
C LYS D 110 12.72 -11.72 -38.58
N ARG D 111 13.78 -11.93 -37.80
CA ARG D 111 14.55 -13.18 -37.89
C ARG D 111 13.71 -14.41 -37.60
N LYS D 112 12.91 -14.38 -36.53
CA LYS D 112 12.10 -15.54 -36.15
C LYS D 112 10.77 -15.60 -36.89
N LYS D 113 10.48 -14.61 -37.75
CA LYS D 113 9.23 -14.54 -38.50
C LYS D 113 8.03 -14.54 -37.56
N ILE D 114 8.13 -13.77 -36.48
CA ILE D 114 7.01 -13.66 -35.55
C ILE D 114 5.93 -12.80 -36.19
N ILE D 115 4.68 -13.15 -35.94
CA ILE D 115 3.54 -12.41 -36.51
C ILE D 115 2.83 -11.67 -35.37
N MET D 116 2.93 -10.35 -35.40
CA MET D 116 2.26 -9.46 -34.47
C MET D 116 1.75 -8.24 -35.22
N PRO D 117 0.66 -7.64 -34.76
CA PRO D 117 0.09 -6.49 -35.48
C PRO D 117 0.87 -5.21 -35.21
N GLU D 118 0.62 -4.21 -36.05
CA GLU D 118 1.31 -2.94 -35.91
C GLU D 118 0.81 -2.17 -34.71
N THR D 119 -0.48 -2.32 -34.39
CA THR D 119 -1.07 -1.79 -33.19
C THR D 119 -1.78 -2.96 -32.52
N PRO D 120 -1.57 -3.18 -31.23
CA PRO D 120 -2.26 -4.31 -30.59
C PRO D 120 -3.75 -4.03 -30.43
N THR D 121 -4.53 -5.11 -30.46
CA THR D 121 -5.95 -5.05 -30.20
C THR D 121 -6.24 -5.94 -28.99
N MET D 122 -7.42 -5.74 -28.40
CA MET D 122 -7.86 -6.67 -27.35
C MET D 122 -7.92 -8.11 -27.86
N PHE D 123 -8.38 -8.31 -29.09
CA PHE D 123 -8.41 -9.66 -29.66
C PHE D 123 -7.02 -10.27 -29.72
N PHE D 124 -6.04 -9.49 -30.21
CA PHE D 124 -4.69 -10.03 -30.34
C PHE D 124 -4.08 -10.34 -28.98
N ILE D 125 -4.18 -9.40 -28.03
CA ILE D 125 -3.66 -9.65 -26.68
C ILE D 125 -4.35 -10.87 -26.06
N GLY D 126 -5.66 -11.00 -26.27
CA GLY D 126 -6.34 -12.21 -25.81
C GLY D 126 -5.69 -13.48 -26.35
N SER D 127 -5.38 -13.48 -27.65
CA SER D 127 -4.81 -14.65 -28.30
C SER D 127 -3.42 -14.99 -27.81
N MET D 128 -2.74 -14.07 -27.13
CA MET D 128 -1.40 -14.41 -26.68
C MET D 128 -1.44 -15.44 -25.56
N ALA D 129 -2.60 -15.70 -24.98
CA ALA D 129 -2.75 -16.80 -24.03
C ALA D 129 -2.18 -18.08 -24.61
N SER D 130 -2.37 -18.31 -25.91
CA SER D 130 -1.85 -19.50 -26.59
C SER D 130 -0.39 -19.40 -26.93
N GLY D 131 0.15 -18.20 -27.06
CA GLY D 131 1.59 -18.09 -27.24
C GLY D 131 1.97 -17.18 -28.38
N ILE D 132 3.13 -17.44 -29.00
CA ILE D 132 3.70 -16.60 -30.04
C ILE D 132 3.33 -17.20 -31.39
N ASN D 133 2.75 -16.38 -32.28
CA ASN D 133 2.51 -16.78 -33.66
C ASN D 133 3.76 -16.52 -34.50
N LEU D 134 4.27 -17.56 -35.15
CA LEU D 134 5.43 -17.41 -36.02
C LEU D 134 5.36 -18.43 -37.15
N ILE D 135 6.16 -18.18 -38.19
CA ILE D 135 6.28 -19.10 -39.32
C ILE D 135 7.34 -20.13 -38.98
N ASP D 136 6.95 -21.41 -38.98
CA ASP D 136 7.89 -22.45 -38.60
C ASP D 136 9.07 -22.50 -39.57
N GLU D 137 10.24 -22.80 -39.00
CA GLU D 137 11.50 -22.76 -39.75
C GLU D 137 11.54 -23.81 -40.86
N ASP D 138 10.88 -24.95 -40.66
CA ASP D 138 11.00 -26.11 -41.52
C ASP D 138 9.80 -26.30 -42.45
N THR D 139 8.58 -26.23 -41.93
CA THR D 139 7.40 -26.36 -42.78
C THR D 139 7.02 -25.07 -43.48
N ASN D 140 7.62 -23.94 -43.09
CA ASN D 140 7.20 -22.61 -43.54
C ASN D 140 5.70 -22.38 -43.37
N MET D 141 5.08 -23.04 -42.41
CA MET D 141 3.69 -22.79 -42.08
C MET D 141 3.59 -22.06 -40.75
N GLU D 142 2.55 -21.26 -40.61
CA GLU D 142 2.31 -20.55 -39.36
C GLU D 142 1.94 -21.53 -38.25
N LYS D 143 2.53 -21.35 -37.07
CA LYS D 143 2.18 -22.13 -35.89
C LYS D 143 2.21 -21.22 -34.67
N VAL D 144 1.75 -21.74 -33.53
CA VAL D 144 1.78 -21.02 -32.26
C VAL D 144 2.64 -21.81 -31.27
N VAL D 145 3.61 -21.13 -30.66
CA VAL D 145 4.46 -21.71 -29.64
C VAL D 145 4.10 -21.08 -28.30
N SER D 146 3.79 -21.92 -27.31
CA SER D 146 3.42 -21.43 -26.00
C SER D 146 4.52 -20.57 -25.39
N LEU D 147 4.11 -19.57 -24.60
CA LEU D 147 5.08 -18.75 -23.87
C LEU D 147 6.04 -19.61 -23.08
N MET D 148 5.53 -20.64 -22.40
CA MET D 148 6.38 -21.49 -21.57
C MET D 148 7.51 -22.11 -22.38
N GLU D 149 7.20 -22.60 -23.58
CA GLU D 149 8.23 -23.19 -24.41
C GLU D 149 9.07 -22.13 -25.10
N PHE D 150 8.45 -21.05 -25.57
CA PHE D 150 9.20 -20.10 -26.38
C PHE D 150 10.15 -19.24 -25.56
N PHE D 151 9.77 -18.86 -24.34
CA PHE D 151 10.57 -17.91 -23.54
C PHE D 151 11.14 -18.66 -22.35
N GLY D 152 12.37 -19.12 -22.49
CA GLY D 152 13.04 -19.81 -21.42
C GLY D 152 12.73 -21.28 -21.31
N GLY D 153 12.03 -21.86 -22.29
CA GLY D 153 11.65 -23.26 -22.23
C GLY D 153 12.24 -24.14 -23.32
N GLU D 154 11.51 -25.22 -23.62
CA GLU D 154 12.00 -26.24 -24.55
C GLU D 154 12.39 -25.64 -25.90
N GLU D 155 11.62 -24.67 -26.38
CA GLU D 155 11.89 -24.04 -27.67
C GLU D 155 12.89 -22.90 -27.57
N ASP D 156 13.63 -22.78 -26.47
CA ASP D 156 14.50 -21.63 -26.24
C ASP D 156 15.75 -22.05 -25.47
N LYS D 157 16.39 -23.13 -25.91
CA LYS D 157 17.44 -23.73 -25.09
C LYS D 157 18.77 -22.99 -25.16
N SER D 158 18.98 -22.16 -26.19
CA SER D 158 20.09 -21.21 -26.15
C SER D 158 19.80 -20.00 -25.26
N GLY D 159 18.57 -19.86 -24.76
CA GLY D 159 18.20 -18.68 -24.00
C GLY D 159 18.13 -17.40 -24.81
N ASP D 160 18.18 -17.50 -26.15
CA ASP D 160 18.17 -16.31 -26.99
C ASP D 160 16.85 -15.55 -26.91
N ASN D 161 15.74 -16.29 -26.84
CA ASN D 161 14.43 -15.64 -26.85
C ASN D 161 14.19 -14.85 -25.57
N LEU D 162 14.43 -15.45 -24.41
CA LEU D 162 14.21 -14.75 -23.15
C LEU D 162 15.05 -13.48 -23.06
N ARG D 163 16.25 -13.48 -23.63
CA ARG D 163 17.13 -12.33 -23.50
C ARG D 163 16.65 -11.10 -24.26
N VAL D 164 15.79 -11.28 -25.28
CA VAL D 164 15.26 -10.11 -25.98
C VAL D 164 14.30 -9.31 -25.11
N LEU D 165 13.73 -9.92 -24.08
CA LEU D 165 12.78 -9.23 -23.24
C LEU D 165 13.50 -8.32 -22.25
N SER D 166 12.80 -7.25 -21.85
CA SER D 166 13.34 -6.27 -20.90
C SER D 166 13.44 -6.89 -19.51
N PRO D 167 14.14 -6.23 -18.58
CA PRO D 167 14.23 -6.80 -17.22
C PRO D 167 12.89 -6.93 -16.53
N ALA D 168 11.99 -5.95 -16.66
CA ALA D 168 10.69 -6.03 -16.00
C ALA D 168 9.86 -7.18 -16.56
N THR D 169 9.91 -7.39 -17.88
CA THR D 169 9.13 -8.47 -18.47
C THR D 169 9.65 -9.82 -17.99
N ARG D 170 10.97 -10.00 -17.97
CA ARG D 170 11.53 -11.24 -17.47
C ARG D 170 11.20 -11.44 -16.00
N ASN D 171 11.20 -10.36 -15.23
CA ASN D 171 10.87 -10.46 -13.81
C ASN D 171 9.46 -10.98 -13.59
N MET D 172 8.48 -10.38 -14.28
CA MET D 172 7.10 -10.79 -14.10
C MET D 172 6.89 -12.21 -14.62
N TRP D 173 7.56 -12.57 -15.72
CA TRP D 173 7.43 -13.92 -16.26
C TRP D 173 8.01 -14.95 -15.28
N ASN D 174 9.14 -14.63 -14.65
CA ASN D 174 9.70 -15.52 -13.62
C ASN D 174 8.71 -15.70 -12.47
N SER D 175 8.19 -14.60 -11.92
CA SER D 175 7.20 -14.72 -10.85
C SER D 175 6.00 -15.54 -11.29
N PHE D 176 5.54 -15.33 -12.53
CA PHE D 176 4.35 -16.03 -13.00
C PHE D 176 4.59 -17.53 -13.10
N LYS D 177 5.75 -17.97 -13.62
CA LYS D 177 6.00 -19.41 -13.73
C LYS D 177 6.01 -20.08 -12.38
N THR D 178 6.31 -19.31 -11.35
CA THR D 178 6.38 -19.77 -9.98
C THR D 178 5.01 -19.77 -9.28
N MET D 179 4.03 -19.02 -9.82
CA MET D 179 2.74 -18.86 -9.18
C MET D 179 1.66 -19.35 -10.14
N GLY D 180 0.93 -18.44 -10.81
CA GLY D 180 -0.15 -18.85 -11.69
C GLY D 180 0.28 -19.77 -12.82
N GLY D 181 1.52 -19.64 -13.27
CA GLY D 181 2.04 -20.53 -14.29
C GLY D 181 2.46 -21.89 -13.79
N ALA D 182 2.23 -22.19 -12.51
CA ALA D 182 2.59 -23.51 -12.01
C ALA D 182 1.86 -24.59 -12.80
N ARG D 183 2.45 -25.79 -12.81
CA ARG D 183 1.91 -26.90 -13.59
C ARG D 183 0.44 -27.12 -13.31
N GLU D 184 0.05 -27.10 -12.03
CA GLU D 184 -1.30 -27.43 -11.64
C GLU D 184 -2.29 -26.31 -11.95
N THR D 185 -1.85 -25.04 -11.90
CA THR D 185 -2.79 -23.93 -12.00
C THR D 185 -2.88 -23.30 -13.39
N TYR D 186 -1.92 -23.60 -14.27
CA TYR D 186 -1.77 -22.81 -15.50
C TYR D 186 -3.05 -22.77 -16.33
N SER D 187 -3.60 -23.94 -16.67
CA SER D 187 -4.77 -23.95 -17.55
C SER D 187 -5.95 -23.23 -16.92
N SER D 188 -6.10 -23.30 -15.59
CA SER D 188 -7.18 -22.56 -14.96
C SER D 188 -6.94 -21.05 -15.04
N VAL D 189 -5.67 -20.63 -14.98
CA VAL D 189 -5.39 -19.21 -15.16
C VAL D 189 -5.70 -18.78 -16.58
N GLN D 190 -5.28 -19.59 -17.56
CA GLN D 190 -5.58 -19.30 -18.96
C GLN D 190 -7.08 -19.28 -19.22
N GLY D 191 -7.82 -20.18 -18.56
CA GLY D 191 -9.28 -20.13 -18.65
C GLY D 191 -9.84 -18.83 -18.14
N VAL D 192 -9.43 -18.39 -16.94
CA VAL D 192 -9.94 -17.11 -16.44
C VAL D 192 -9.50 -15.98 -17.36
N TYR D 193 -8.24 -16.03 -17.84
CA TYR D 193 -7.75 -15.02 -18.77
C TYR D 193 -8.61 -14.96 -20.03
N THR D 194 -8.78 -16.10 -20.69
CA THR D 194 -9.52 -16.12 -21.96
C THR D 194 -10.93 -15.57 -21.79
N SER D 195 -11.61 -15.88 -20.69
CA SER D 195 -13.01 -15.50 -20.57
C SER D 195 -13.21 -13.99 -20.50
N ALA D 196 -12.20 -13.21 -20.11
CA ALA D 196 -12.35 -11.76 -20.15
C ALA D 196 -12.30 -11.20 -21.56
N PHE D 197 -11.89 -12.00 -22.55
CA PHE D 197 -11.79 -11.56 -23.93
C PHE D 197 -12.93 -12.09 -24.79
N ALA D 198 -13.94 -12.70 -24.18
CA ALA D 198 -15.08 -13.19 -24.95
C ALA D 198 -15.77 -12.11 -25.76
N PRO D 199 -16.02 -10.87 -25.24
CA PRO D 199 -16.61 -9.81 -26.09
C PRO D 199 -15.77 -9.39 -27.30
N TYR D 200 -14.69 -10.10 -27.60
CA TYR D 200 -13.93 -9.87 -28.83
C TYR D 200 -13.71 -11.20 -29.54
#